data_2FIP
#
_entry.id   2FIP
#
_cell.length_a   66.349
_cell.length_b   136.232
_cell.length_c   140.409
_cell.angle_alpha   90.00
_cell.angle_beta   90.00
_cell.angle_gamma   90.00
#
_symmetry.space_group_name_H-M   'P 21 21 21'
#
loop_
_entity.id
_entity.type
_entity.pdbx_description
1 polymer 'Late genes activator'
2 water water
#
_entity_poly.entity_id   1
_entity_poly.type   'polypeptide(L)'
_entity_poly.pdbx_seq_one_letter_code
;PKTQRGIYHNLKESEYVASNTDVTFFFSSELYLNKFLDGYQEYRKKFNKKIERVAVTPWNMDMLADITFYSEVEKRGFHA
WLKGDNATWREVHVYALRIMTKPNTLDWSRIQKPR
;
_entity_poly.pdbx_strand_id   A,B,C,D,E,F
#
# COMPACT_ATOMS: atom_id res chain seq x y z
N PRO A 1 -18.89 -20.29 22.44
CA PRO A 1 -19.56 -18.99 22.22
C PRO A 1 -19.09 -17.89 23.16
N LYS A 2 -19.33 -16.65 22.76
CA LYS A 2 -18.93 -15.50 23.55
C LYS A 2 -19.54 -15.60 24.95
N THR A 3 -18.73 -15.40 25.98
CA THR A 3 -19.27 -15.49 27.34
C THR A 3 -19.99 -14.20 27.71
N GLN A 4 -20.65 -14.23 28.86
CA GLN A 4 -21.40 -13.08 29.36
C GLN A 4 -20.44 -11.92 29.64
N ARG A 5 -19.14 -12.23 29.70
CA ARG A 5 -18.12 -11.21 29.95
C ARG A 5 -17.48 -10.75 28.64
N GLY A 6 -17.99 -11.25 27.52
CA GLY A 6 -17.48 -10.84 26.21
C GLY A 6 -16.18 -11.52 25.82
N ILE A 7 -15.97 -12.71 26.36
CA ILE A 7 -14.75 -13.44 26.10
C ILE A 7 -14.95 -14.63 25.18
N TYR A 8 -13.94 -14.88 24.34
CA TYR A 8 -13.96 -16.04 23.45
C TYR A 8 -12.81 -16.92 23.90
N HIS A 9 -13.13 -18.06 24.52
CA HIS A 9 -12.11 -18.99 24.96
C HIS A 9 -11.66 -19.82 23.77
N ASN A 10 -12.44 -19.79 22.70
CA ASN A 10 -12.04 -20.51 21.48
C ASN A 10 -11.78 -19.40 20.47
N LEU A 11 -10.51 -19.06 20.28
CA LEU A 11 -10.13 -17.98 19.38
C LEU A 11 -10.67 -18.04 17.95
N LYS A 12 -10.83 -19.22 17.40
CA LYS A 12 -11.33 -19.31 16.03
C LYS A 12 -12.76 -18.75 15.86
N GLU A 13 -13.50 -18.64 16.96
CA GLU A 13 -14.87 -18.12 16.90
C GLU A 13 -14.93 -16.62 17.09
N SER A 14 -13.83 -16.03 17.52
CA SER A 14 -13.79 -14.62 17.83
C SER A 14 -14.20 -13.60 16.78
N GLU A 15 -14.86 -12.55 17.27
CA GLU A 15 -15.29 -11.44 16.43
C GLU A 15 -14.23 -10.34 16.51
N TYR A 16 -13.29 -10.51 17.45
CA TYR A 16 -12.21 -9.55 17.65
C TYR A 16 -11.00 -10.00 16.85
N VAL A 17 -10.79 -9.31 15.73
CA VAL A 17 -9.73 -9.65 14.78
C VAL A 17 -9.01 -8.43 14.21
N ALA A 18 -7.71 -8.59 13.94
CA ALA A 18 -6.92 -7.51 13.37
C ALA A 18 -6.10 -8.12 12.22
N SER A 19 -5.84 -7.32 11.20
CA SER A 19 -5.08 -7.79 10.05
C SER A 19 -4.17 -6.72 9.46
N ASN A 20 -3.09 -7.16 8.83
CA ASN A 20 -2.15 -6.24 8.19
C ASN A 20 -2.19 -6.50 6.67
N THR A 21 -3.23 -7.24 6.27
CA THR A 21 -3.53 -7.66 4.89
C THR A 21 -2.84 -8.95 4.47
N ASP A 22 -1.77 -9.34 5.16
CA ASP A 22 -1.10 -10.62 4.85
C ASP A 22 -1.37 -11.61 5.97
N VAL A 23 -1.41 -11.11 7.20
CA VAL A 23 -1.61 -11.92 8.38
C VAL A 23 -2.82 -11.43 9.18
N THR A 24 -3.51 -12.37 9.85
CA THR A 24 -4.68 -12.04 10.66
C THR A 24 -4.49 -12.65 12.06
N PHE A 25 -4.65 -11.83 13.09
CA PHE A 25 -4.53 -12.28 14.49
C PHE A 25 -5.94 -12.25 15.12
N PHE A 26 -6.26 -13.28 15.89
CA PHE A 26 -7.56 -13.38 16.57
C PHE A 26 -7.37 -13.15 18.07
N PHE A 27 -8.28 -12.38 18.68
CA PHE A 27 -8.19 -12.06 20.09
C PHE A 27 -9.36 -12.61 20.91
N SER A 28 -9.11 -12.86 22.19
CA SER A 28 -10.18 -13.41 23.03
C SER A 28 -11.13 -12.35 23.61
N SER A 29 -10.80 -11.07 23.43
CA SER A 29 -11.62 -9.98 23.96
C SER A 29 -11.35 -8.69 23.22
N GLU A 30 -12.25 -7.74 23.35
CA GLU A 30 -12.09 -6.43 22.69
C GLU A 30 -10.98 -5.68 23.41
N LEU A 31 -10.82 -5.95 24.70
CA LEU A 31 -9.76 -5.30 25.48
C LEU A 31 -8.38 -5.65 24.92
N TYR A 32 -8.16 -6.92 24.61
CA TYR A 32 -6.86 -7.33 24.08
C TYR A 32 -6.65 -6.82 22.66
N LEU A 33 -7.67 -6.90 21.83
CA LEU A 33 -7.59 -6.43 20.46
C LEU A 33 -7.20 -4.95 20.46
N ASN A 34 -7.87 -4.16 21.29
CA ASN A 34 -7.55 -2.75 21.33
C ASN A 34 -6.18 -2.45 21.92
N LYS A 35 -5.73 -3.29 22.84
CA LYS A 35 -4.42 -3.11 23.45
C LYS A 35 -3.39 -3.31 22.35
N PHE A 36 -3.63 -4.30 21.49
CA PHE A 36 -2.72 -4.56 20.39
C PHE A 36 -2.71 -3.40 19.40
N LEU A 37 -3.89 -3.03 18.90
CA LEU A 37 -4.02 -1.95 17.95
C LEU A 37 -3.49 -0.60 18.45
N ASP A 38 -3.70 -0.31 19.74
CA ASP A 38 -3.25 0.95 20.31
C ASP A 38 -1.76 1.01 20.65
N GLY A 39 -1.09 -0.13 20.71
CA GLY A 39 0.31 -0.07 21.07
C GLY A 39 1.36 -0.74 20.19
N TYR A 40 0.94 -1.33 19.07
CA TYR A 40 1.90 -2.03 18.22
C TYR A 40 2.92 -1.12 17.55
N GLN A 41 2.51 0.10 17.20
CA GLN A 41 3.44 1.03 16.57
C GLN A 41 4.54 1.42 17.54
N GLU A 42 4.16 1.73 18.77
CA GLU A 42 5.12 2.10 19.80
C GLU A 42 6.01 0.91 20.18
N TYR A 43 5.43 -0.29 20.21
CA TYR A 43 6.21 -1.47 20.57
C TYR A 43 7.28 -1.73 19.51
N ARG A 44 6.96 -1.46 18.26
CA ARG A 44 7.91 -1.65 17.17
C ARG A 44 9.18 -0.83 17.44
N LYS A 45 9.00 0.41 17.87
CA LYS A 45 10.12 1.30 18.16
C LYS A 45 10.94 0.72 19.31
N LYS A 46 10.24 0.29 20.37
CA LYS A 46 10.92 -0.28 21.52
C LYS A 46 11.65 -1.56 21.14
N PHE A 47 10.94 -2.43 20.43
CA PHE A 47 11.49 -3.72 19.99
C PHE A 47 12.77 -3.51 19.19
N ASN A 48 12.69 -2.65 18.18
CA ASN A 48 13.83 -2.38 17.33
C ASN A 48 15.06 -1.87 18.12
N LYS A 49 14.82 -1.04 19.13
CA LYS A 49 15.91 -0.53 19.94
C LYS A 49 16.57 -1.65 20.75
N LYS A 50 15.77 -2.58 21.24
CA LYS A 50 16.29 -3.71 22.01
C LYS A 50 17.13 -4.63 21.13
N ILE A 51 16.62 -4.91 19.94
CA ILE A 51 17.33 -5.79 19.00
C ILE A 51 18.65 -5.16 18.57
N GLU A 52 18.62 -3.89 18.20
CA GLU A 52 19.82 -3.21 17.76
C GLU A 52 20.91 -3.19 18.82
N ARG A 53 20.50 -3.22 20.08
CA ARG A 53 21.48 -3.25 21.17
C ARG A 53 22.17 -4.60 21.19
N VAL A 54 21.60 -5.58 20.50
CA VAL A 54 22.19 -6.90 20.45
C VAL A 54 22.96 -7.06 19.14
N ALA A 55 22.36 -6.63 18.04
CA ALA A 55 23.00 -6.74 16.74
C ALA A 55 22.45 -5.78 15.72
N VAL A 56 23.35 -5.24 14.90
CA VAL A 56 23.01 -4.31 13.84
C VAL A 56 22.87 -5.13 12.57
N THR A 57 21.69 -5.08 11.95
CA THR A 57 21.47 -5.82 10.73
C THR A 57 20.69 -4.93 9.78
N PRO A 58 20.60 -5.33 8.51
CA PRO A 58 19.86 -4.54 7.52
C PRO A 58 18.38 -4.91 7.47
N TRP A 59 17.94 -5.76 8.39
CA TRP A 59 16.57 -6.27 8.40
C TRP A 59 15.47 -5.45 9.07
N ASN A 60 14.27 -5.58 8.53
CA ASN A 60 13.07 -4.91 9.04
C ASN A 60 12.42 -5.88 10.03
N MET A 61 12.57 -5.59 11.32
CA MET A 61 12.06 -6.44 12.39
C MET A 61 10.61 -6.16 12.80
N ASP A 62 9.91 -5.35 12.02
CA ASP A 62 8.54 -5.01 12.38
C ASP A 62 7.58 -6.17 12.58
N MET A 63 7.53 -7.10 11.64
CA MET A 63 6.61 -8.22 11.77
C MET A 63 6.96 -9.06 13.00
N LEU A 64 8.25 -9.24 13.26
CA LEU A 64 8.66 -10.01 14.42
C LEU A 64 8.17 -9.31 15.68
N ALA A 65 8.29 -7.98 15.69
CA ALA A 65 7.83 -7.19 16.83
C ALA A 65 6.33 -7.40 16.99
N ASP A 66 5.62 -7.39 15.87
CA ASP A 66 4.16 -7.56 15.89
C ASP A 66 3.74 -8.93 16.44
N ILE A 67 4.48 -9.97 16.08
CA ILE A 67 4.19 -11.32 16.57
C ILE A 67 4.46 -11.38 18.06
N THR A 68 5.55 -10.75 18.47
CA THR A 68 5.94 -10.74 19.87
C THR A 68 4.94 -9.94 20.73
N PHE A 69 4.45 -8.83 20.20
CA PHE A 69 3.49 -8.00 20.93
C PHE A 69 2.15 -8.73 21.05
N TYR A 70 1.74 -9.41 19.98
CA TYR A 70 0.49 -10.17 20.00
C TYR A 70 0.57 -11.26 21.06
N SER A 71 1.72 -11.93 21.16
CA SER A 71 1.91 -12.99 22.14
C SER A 71 1.90 -12.40 23.54
N GLU A 72 2.30 -11.15 23.67
CA GLU A 72 2.32 -10.51 24.98
C GLU A 72 0.92 -10.01 25.40
N VAL A 73 0.15 -9.52 24.43
CA VAL A 73 -1.17 -8.98 24.71
C VAL A 73 -2.27 -10.04 24.87
N GLU A 74 -2.37 -10.94 23.89
CA GLU A 74 -3.38 -11.99 23.97
C GLU A 74 -2.96 -13.00 25.02
N LYS A 75 -3.73 -13.08 26.10
CA LYS A 75 -3.44 -13.99 27.20
C LYS A 75 -4.15 -15.32 27.11
N ARG A 76 -4.98 -15.51 26.07
CA ARG A 76 -5.73 -16.75 25.96
C ARG A 76 -5.37 -17.60 24.74
N GLY A 77 -4.14 -17.47 24.27
CA GLY A 77 -3.76 -18.30 23.14
C GLY A 77 -3.16 -17.57 21.96
N PHE A 78 -3.00 -18.30 20.87
CA PHE A 78 -2.42 -17.77 19.66
C PHE A 78 -3.21 -18.38 18.53
N HIS A 79 -3.71 -17.56 17.63
CA HIS A 79 -4.49 -18.08 16.51
C HIS A 79 -4.34 -17.07 15.40
N ALA A 80 -3.76 -17.52 14.30
CA ALA A 80 -3.53 -16.62 13.18
C ALA A 80 -3.82 -17.26 11.84
N TRP A 81 -3.97 -16.40 10.84
CA TRP A 81 -4.21 -16.81 9.48
C TRP A 81 -3.11 -16.18 8.65
N LEU A 82 -2.68 -16.87 7.61
CA LEU A 82 -1.66 -16.35 6.72
C LEU A 82 -2.26 -16.47 5.33
N LYS A 83 -2.47 -15.32 4.69
CA LYS A 83 -3.06 -15.27 3.35
C LYS A 83 -4.40 -16.00 3.25
N GLY A 84 -5.28 -15.80 4.24
CA GLY A 84 -6.58 -16.43 4.22
C GLY A 84 -6.67 -17.87 4.72
N ASP A 85 -5.57 -18.46 5.18
CA ASP A 85 -5.60 -19.82 5.67
C ASP A 85 -5.04 -19.92 7.07
N ASN A 86 -5.45 -20.94 7.82
CA ASN A 86 -4.94 -21.11 9.18
C ASN A 86 -3.44 -21.27 9.09
N ALA A 87 -2.73 -20.59 9.98
CA ALA A 87 -1.29 -20.64 9.99
C ALA A 87 -0.78 -20.95 11.38
N THR A 88 0.16 -21.88 11.46
CA THR A 88 0.74 -22.24 12.73
C THR A 88 1.73 -21.18 13.18
N TRP A 89 2.14 -21.27 14.43
CA TRP A 89 3.11 -20.34 15.00
C TRP A 89 4.38 -20.36 14.15
N ARG A 90 4.80 -21.55 13.74
CA ARG A 90 6.01 -21.67 12.93
C ARG A 90 5.83 -21.04 11.56
N GLU A 91 4.68 -21.29 10.92
CA GLU A 91 4.43 -20.73 9.61
C GLU A 91 4.41 -19.21 9.63
N VAL A 92 3.92 -18.60 10.71
CA VAL A 92 3.90 -17.14 10.81
C VAL A 92 5.33 -16.62 10.97
N HIS A 93 6.15 -17.34 11.72
CA HIS A 93 7.54 -16.92 11.88
C HIS A 93 8.30 -17.05 10.57
N VAL A 94 7.93 -18.04 9.76
CA VAL A 94 8.58 -18.24 8.46
C VAL A 94 8.26 -17.03 7.59
N TYR A 95 7.03 -16.54 7.69
CA TYR A 95 6.59 -15.37 6.94
C TYR A 95 7.35 -14.14 7.42
N ALA A 96 7.52 -14.03 8.74
CA ALA A 96 8.23 -12.88 9.29
C ALA A 96 9.70 -12.91 8.84
N LEU A 97 10.27 -14.10 8.76
CA LEU A 97 11.67 -14.25 8.35
C LEU A 97 11.85 -13.74 6.92
N ARG A 98 10.87 -14.04 6.07
CA ARG A 98 10.92 -13.64 4.68
C ARG A 98 10.71 -12.14 4.51
N ILE A 99 9.69 -11.60 5.16
CA ILE A 99 9.35 -10.19 5.07
C ILE A 99 10.46 -9.27 5.62
N MET A 100 11.37 -9.83 6.41
CA MET A 100 12.48 -9.09 7.01
C MET A 100 13.33 -8.36 5.98
N THR A 101 13.37 -8.89 4.77
CA THR A 101 14.18 -8.32 3.69
C THR A 101 13.51 -7.18 2.94
N LYS A 102 12.29 -6.82 3.33
CA LYS A 102 11.56 -5.73 2.69
C LYS A 102 11.53 -4.52 3.61
N PRO A 103 11.90 -3.35 3.09
CA PRO A 103 11.92 -2.11 3.87
C PRO A 103 10.55 -1.59 4.31
N ASN A 104 9.53 -1.80 3.49
CA ASN A 104 8.19 -1.32 3.84
C ASN A 104 7.51 -2.20 4.89
N THR A 105 6.74 -1.58 5.79
CA THR A 105 6.05 -2.32 6.84
C THR A 105 4.53 -2.10 6.78
N LEU A 106 3.78 -3.20 6.72
CA LEU A 106 2.33 -3.15 6.67
C LEU A 106 1.75 -2.85 8.04
N ASP A 107 0.77 -1.94 8.09
CA ASP A 107 0.14 -1.59 9.35
C ASP A 107 -1.04 -2.50 9.67
N TRP A 108 -1.51 -2.43 10.91
CA TRP A 108 -2.62 -3.25 11.36
C TRP A 108 -3.89 -2.46 11.63
N SER A 109 -5.02 -3.09 11.38
CA SER A 109 -6.30 -2.47 11.63
C SER A 109 -7.34 -3.55 11.94
N ARG A 110 -8.38 -3.15 12.65
CA ARG A 110 -9.46 -4.06 13.01
C ARG A 110 -10.23 -4.43 11.74
N ILE A 111 -10.64 -5.68 11.62
CA ILE A 111 -11.42 -6.11 10.47
C ILE A 111 -12.62 -6.92 10.97
N GLN A 112 -13.60 -7.11 10.10
CA GLN A 112 -14.79 -7.89 10.43
C GLN A 112 -14.40 -9.37 10.37
N LYS A 113 -15.00 -10.19 11.24
CA LYS A 113 -14.68 -11.63 11.25
C LYS A 113 -14.69 -12.19 9.81
N PRO A 114 -13.54 -12.71 9.35
CA PRO A 114 -13.36 -13.28 8.00
C PRO A 114 -13.97 -14.65 7.73
N ARG A 115 -14.13 -14.95 6.45
CA ARG A 115 -14.71 -16.21 5.95
C ARG A 115 -16.16 -16.44 6.37
N PRO B 1 51.49 -3.41 3.18
CA PRO B 1 52.24 -4.55 3.73
C PRO B 1 52.25 -4.58 5.24
N LYS B 2 52.48 -5.76 5.79
CA LYS B 2 52.52 -5.96 7.22
C LYS B 2 53.50 -4.97 7.84
N THR B 3 53.07 -4.29 8.91
CA THR B 3 53.93 -3.31 9.57
C THR B 3 54.93 -4.01 10.49
N GLN B 4 55.86 -3.25 11.03
CA GLN B 4 56.87 -3.81 11.93
C GLN B 4 56.20 -4.41 13.17
N ARG B 5 54.98 -3.97 13.48
CA ARG B 5 54.28 -4.48 14.65
C ARG B 5 53.32 -5.62 14.30
N GLY B 6 53.37 -6.10 13.06
CA GLY B 6 52.52 -7.22 12.63
C GLY B 6 51.09 -6.86 12.25
N ILE B 7 50.89 -5.60 11.87
CA ILE B 7 49.55 -5.15 11.51
C ILE B 7 49.33 -5.01 10.01
N TYR B 8 48.12 -5.39 9.58
CA TYR B 8 47.72 -5.25 8.19
C TYR B 8 46.63 -4.18 8.18
N HIS B 9 46.96 -2.98 7.71
CA HIS B 9 45.96 -1.94 7.66
C HIS B 9 45.05 -2.15 6.47
N ASN B 10 45.50 -2.95 5.52
CA ASN B 10 44.70 -3.31 4.34
C ASN B 10 44.39 -4.78 4.57
N LEU B 11 43.16 -5.05 5.05
CA LEU B 11 42.72 -6.40 5.37
C LEU B 11 42.84 -7.40 4.24
N LYS B 12 42.69 -6.91 3.02
CA LYS B 12 42.78 -7.72 1.82
C LYS B 12 44.11 -8.51 1.75
N GLU B 13 45.18 -7.93 2.28
CA GLU B 13 46.50 -8.58 2.23
C GLU B 13 46.83 -9.41 3.46
N SER B 14 45.92 -9.44 4.43
CA SER B 14 46.20 -10.16 5.67
C SER B 14 46.46 -11.66 5.59
N GLU B 15 47.39 -12.12 6.43
CA GLU B 15 47.72 -13.53 6.51
C GLU B 15 46.89 -14.13 7.64
N TYR B 16 46.18 -13.28 8.38
CA TYR B 16 45.38 -13.74 9.50
C TYR B 16 43.94 -13.90 9.06
N VAL B 17 43.50 -15.15 8.92
CA VAL B 17 42.17 -15.43 8.46
C VAL B 17 41.55 -16.63 9.12
N ALA B 18 40.22 -16.56 9.29
CA ALA B 18 39.46 -17.65 9.89
C ALA B 18 38.33 -18.00 8.92
N SER B 19 37.90 -19.26 8.95
CA SER B 19 36.85 -19.71 8.04
C SER B 19 35.98 -20.76 8.68
N ASN B 20 34.72 -20.85 8.25
CA ASN B 20 33.83 -21.86 8.78
C ASN B 20 33.49 -22.80 7.62
N THR B 21 34.27 -22.66 6.55
CA THR B 21 34.18 -23.42 5.30
C THR B 21 33.21 -22.81 4.28
N ASP B 22 32.41 -21.84 4.72
CA ASP B 22 31.48 -21.12 3.83
C ASP B 22 31.88 -19.65 3.75
N VAL B 23 32.22 -19.11 4.91
CA VAL B 23 32.60 -17.71 5.02
C VAL B 23 34.03 -17.59 5.56
N THR B 24 34.75 -16.59 5.08
CA THR B 24 36.12 -16.32 5.52
C THR B 24 36.23 -14.86 6.01
N PHE B 25 36.70 -14.68 7.24
CA PHE B 25 36.89 -13.34 7.84
C PHE B 25 38.40 -13.04 7.88
N PHE B 26 38.76 -11.83 7.49
CA PHE B 26 40.16 -11.38 7.49
C PHE B 26 40.41 -10.46 8.68
N PHE B 27 41.55 -10.63 9.35
CA PHE B 27 41.90 -9.82 10.51
C PHE B 27 43.14 -8.97 10.31
N SER B 28 43.21 -7.84 11.01
CA SER B 28 44.36 -6.94 10.85
C SER B 28 45.57 -7.36 11.68
N SER B 29 45.40 -8.32 12.58
CA SER B 29 46.50 -8.77 13.43
C SER B 29 46.22 -10.17 13.96
N GLU B 30 47.26 -10.82 14.47
CA GLU B 30 47.12 -12.16 15.02
C GLU B 30 46.35 -12.10 16.33
N LEU B 31 46.52 -11.00 17.06
CA LEU B 31 45.82 -10.78 18.31
C LEU B 31 44.30 -10.81 18.12
N TYR B 32 43.81 -10.15 17.07
CA TYR B 32 42.38 -10.11 16.81
C TYR B 32 41.88 -11.45 16.33
N LEU B 33 42.64 -12.08 15.44
CA LEU B 33 42.28 -13.39 14.94
C LEU B 33 42.09 -14.36 16.10
N ASN B 34 43.07 -14.42 17.00
CA ASN B 34 42.96 -15.33 18.14
C ASN B 34 41.85 -14.98 19.12
N LYS B 35 41.53 -13.70 19.23
CA LYS B 35 40.47 -13.31 20.15
C LYS B 35 39.14 -13.83 19.60
N PHE B 36 38.98 -13.75 18.29
CA PHE B 36 37.76 -14.22 17.65
C PHE B 36 37.65 -15.74 17.79
N LEU B 37 38.72 -16.44 17.43
CA LEU B 37 38.73 -17.88 17.50
C LEU B 37 38.54 -18.41 18.90
N ASP B 38 39.12 -17.71 19.88
CA ASP B 38 39.01 -18.15 21.28
C ASP B 38 37.74 -17.76 21.99
N GLY B 39 36.95 -16.87 21.41
CA GLY B 39 35.75 -16.46 22.11
C GLY B 39 34.41 -16.58 21.42
N TYR B 40 34.40 -16.93 20.13
CA TYR B 40 33.15 -17.02 19.39
C TYR B 40 32.15 -18.05 19.91
N GLN B 41 32.64 -19.15 20.47
CA GLN B 41 31.73 -20.18 20.99
C GLN B 41 30.98 -19.64 22.20
N GLU B 42 31.70 -18.98 23.09
CA GLU B 42 31.07 -18.43 24.27
C GLU B 42 30.18 -17.26 23.87
N TYR B 43 30.58 -16.52 22.84
CA TYR B 43 29.78 -15.38 22.41
C TYR B 43 28.44 -15.82 21.83
N ARG B 44 28.42 -16.98 21.19
CA ARG B 44 27.17 -17.49 20.63
C ARG B 44 26.16 -17.70 21.76
N LYS B 45 26.65 -18.22 22.88
CA LYS B 45 25.78 -18.48 24.03
C LYS B 45 25.26 -17.17 24.62
N LYS B 46 26.16 -16.21 24.81
CA LYS B 46 25.75 -14.93 25.36
C LYS B 46 24.79 -14.22 24.40
N PHE B 47 25.07 -14.33 23.11
CA PHE B 47 24.24 -13.68 22.09
C PHE B 47 22.82 -14.21 22.12
N ASN B 48 22.69 -15.53 22.22
CA ASN B 48 21.37 -16.14 22.23
C ASN B 48 20.55 -15.74 23.45
N LYS B 49 21.18 -15.63 24.61
CA LYS B 49 20.46 -15.23 25.81
C LYS B 49 19.91 -13.82 25.61
N LYS B 50 20.72 -12.94 25.04
CA LYS B 50 20.29 -11.57 24.83
C LYS B 50 19.15 -11.48 23.82
N ILE B 51 19.26 -12.23 22.74
CA ILE B 51 18.22 -12.22 21.71
C ILE B 51 16.91 -12.78 22.24
N GLU B 52 16.99 -13.88 23.00
CA GLU B 52 15.80 -14.53 23.54
C GLU B 52 15.02 -13.66 24.50
N ARG B 53 15.68 -12.70 25.15
CA ARG B 53 15.01 -11.81 26.07
C ARG B 53 14.19 -10.79 25.27
N VAL B 54 14.54 -10.65 23.99
CA VAL B 54 13.84 -9.72 23.13
C VAL B 54 12.69 -10.43 22.44
N ALA B 55 12.98 -11.60 21.87
CA ALA B 55 11.97 -12.36 21.17
C ALA B 55 12.30 -13.83 21.10
N VAL B 56 11.26 -14.65 21.16
CA VAL B 56 11.40 -16.09 21.08
C VAL B 56 11.12 -16.49 19.63
N THR B 57 12.10 -17.13 18.99
CA THR B 57 11.93 -17.55 17.61
C THR B 57 12.52 -18.94 17.47
N PRO B 58 12.20 -19.63 16.37
CA PRO B 58 12.71 -20.99 16.15
C PRO B 58 14.03 -20.96 15.37
N TRP B 59 14.63 -19.79 15.26
CA TRP B 59 15.85 -19.64 14.47
C TRP B 59 17.21 -19.88 15.12
N ASN B 60 18.16 -20.27 14.27
CA ASN B 60 19.54 -20.53 14.66
C ASN B 60 20.30 -19.23 14.39
N MET B 61 20.56 -18.46 15.44
CA MET B 61 21.23 -17.18 15.33
C MET B 61 22.76 -17.24 15.45
N ASP B 62 23.32 -18.44 15.40
CA ASP B 62 24.76 -18.59 15.52
C ASP B 62 25.60 -17.77 14.54
N MET B 63 25.26 -17.82 13.26
CA MET B 63 26.03 -17.08 12.27
C MET B 63 25.92 -15.58 12.50
N LEU B 64 24.73 -15.10 12.89
CA LEU B 64 24.59 -13.68 13.14
C LEU B 64 25.46 -13.31 14.35
N ALA B 65 25.57 -14.22 15.31
CA ALA B 65 26.39 -13.96 16.49
C ALA B 65 27.86 -13.85 16.04
N ASP B 66 28.28 -14.77 15.17
CA ASP B 66 29.65 -14.80 14.66
C ASP B 66 29.99 -13.50 13.89
N ILE B 67 29.06 -13.03 13.07
CA ILE B 67 29.26 -11.79 12.32
C ILE B 67 29.40 -10.64 13.30
N THR B 68 28.59 -10.67 14.35
CA THR B 68 28.59 -9.61 15.36
C THR B 68 29.88 -9.60 16.19
N PHE B 69 30.38 -10.79 16.50
CA PHE B 69 31.61 -10.90 17.29
C PHE B 69 32.79 -10.44 16.45
N TYR B 70 32.76 -10.74 15.15
CA TYR B 70 33.82 -10.34 14.23
C TYR B 70 33.90 -8.82 14.19
N SER B 71 32.75 -8.16 14.05
CA SER B 71 32.66 -6.71 14.01
C SER B 71 33.17 -6.09 15.30
N GLU B 72 32.92 -6.77 16.40
CA GLU B 72 33.34 -6.27 17.71
C GLU B 72 34.81 -6.53 17.98
N VAL B 73 35.34 -7.64 17.48
CA VAL B 73 36.73 -8.00 17.69
C VAL B 73 37.72 -7.31 16.76
N GLU B 74 37.43 -7.28 15.47
CA GLU B 74 38.29 -6.63 14.48
C GLU B 74 38.04 -5.13 14.55
N LYS B 75 39.09 -4.36 14.85
CA LYS B 75 38.95 -2.91 14.97
C LYS B 75 39.40 -2.08 13.78
N ARG B 76 39.96 -2.74 12.77
CA ARG B 76 40.46 -2.04 11.60
C ARG B 76 39.69 -2.32 10.31
N GLY B 77 38.39 -2.60 10.44
CA GLY B 77 37.62 -2.83 9.23
C GLY B 77 36.85 -4.14 9.15
N PHE B 78 36.27 -4.38 7.99
CA PHE B 78 35.48 -5.57 7.73
C PHE B 78 35.86 -6.07 6.35
N HIS B 79 36.24 -7.33 6.26
CA HIS B 79 36.58 -7.91 4.96
C HIS B 79 36.25 -9.38 5.03
N ALA B 80 35.42 -9.84 4.11
CA ALA B 80 35.01 -11.24 4.13
C ALA B 80 34.81 -11.80 2.76
N TRP B 81 34.88 -13.12 2.69
CA TRP B 81 34.65 -13.84 1.45
C TRP B 81 33.49 -14.79 1.73
N LEU B 82 32.71 -15.07 0.69
CA LEU B 82 31.59 -16.00 0.81
C LEU B 82 31.82 -17.00 -0.32
N LYS B 83 31.90 -18.28 0.04
CA LYS B 83 32.12 -19.32 -0.96
C LYS B 83 33.29 -19.00 -1.90
N GLY B 84 34.40 -18.52 -1.32
CA GLY B 84 35.57 -18.21 -2.13
C GLY B 84 35.59 -16.91 -2.90
N ASP B 85 34.58 -16.06 -2.72
CA ASP B 85 34.56 -14.78 -3.42
C ASP B 85 34.36 -13.62 -2.43
N ASN B 86 34.94 -12.47 -2.74
CA ASN B 86 34.81 -11.31 -1.87
C ASN B 86 33.33 -11.00 -1.68
N ALA B 87 32.91 -10.86 -0.43
CA ALA B 87 31.51 -10.61 -0.12
C ALA B 87 31.33 -9.30 0.64
N THR B 88 30.25 -8.59 0.34
CA THR B 88 29.95 -7.33 1.02
C THR B 88 29.34 -7.65 2.37
N TRP B 89 29.26 -6.62 3.20
CA TRP B 89 28.69 -6.73 4.54
C TRP B 89 27.27 -7.28 4.41
N ARG B 90 26.50 -6.74 3.45
CA ARG B 90 25.12 -7.18 3.26
C ARG B 90 25.03 -8.63 2.76
N GLU B 91 25.95 -9.05 1.91
CA GLU B 91 25.93 -10.42 1.39
C GLU B 91 26.19 -11.41 2.51
N VAL B 92 27.05 -11.05 3.46
CA VAL B 92 27.33 -11.94 4.57
C VAL B 92 26.08 -12.02 5.44
N HIS B 93 25.36 -10.91 5.56
CA HIS B 93 24.14 -10.92 6.36
C HIS B 93 23.02 -11.74 5.71
N VAL B 94 22.99 -11.73 4.38
CA VAL B 94 21.99 -12.50 3.65
C VAL B 94 22.27 -13.98 3.91
N TYR B 95 23.54 -14.35 3.93
CA TYR B 95 23.94 -15.73 4.20
C TYR B 95 23.50 -16.11 5.61
N ALA B 96 23.71 -15.22 6.58
CA ALA B 96 23.31 -15.51 7.96
C ALA B 96 21.79 -15.70 8.08
N LEU B 97 21.02 -14.99 7.25
CA LEU B 97 19.55 -15.12 7.27
C LEU B 97 19.16 -16.50 6.80
N ARG B 98 19.70 -16.90 5.64
CA ARG B 98 19.40 -18.20 5.08
C ARG B 98 19.86 -19.31 5.99
N ILE B 99 20.93 -19.07 6.74
CA ILE B 99 21.46 -20.07 7.65
C ILE B 99 20.58 -20.27 8.90
N MET B 100 19.83 -19.23 9.25
CA MET B 100 18.95 -19.30 10.43
C MET B 100 17.93 -20.42 10.40
N THR B 101 17.59 -20.91 9.21
CA THR B 101 16.61 -21.98 9.09
C THR B 101 17.22 -23.37 9.30
N LYS B 102 18.54 -23.47 9.22
CA LYS B 102 19.20 -24.75 9.39
C LYS B 102 19.57 -24.95 10.86
N PRO B 103 19.37 -26.18 11.37
CA PRO B 103 19.66 -26.54 12.76
C PRO B 103 21.13 -26.62 13.17
N ASN B 104 21.98 -27.17 12.29
CA ASN B 104 23.38 -27.29 12.62
C ASN B 104 24.16 -26.00 12.37
N THR B 105 25.28 -25.85 13.07
CA THR B 105 26.11 -24.68 12.94
C THR B 105 27.55 -25.06 12.61
N LEU B 106 28.17 -24.30 11.70
CA LEU B 106 29.54 -24.53 11.29
C LEU B 106 30.50 -23.81 12.24
N ASP B 107 31.56 -24.50 12.64
CA ASP B 107 32.54 -23.90 13.53
C ASP B 107 33.64 -23.19 12.75
N TRP B 108 34.45 -22.41 13.45
CA TRP B 108 35.52 -21.66 12.82
C TRP B 108 36.92 -22.13 13.20
N SER B 109 37.85 -22.01 12.27
CA SER B 109 39.23 -22.36 12.55
C SER B 109 40.13 -21.49 11.68
N ARG B 110 41.37 -21.33 12.12
CA ARG B 110 42.33 -20.53 11.37
C ARG B 110 42.73 -21.28 10.10
N ILE B 111 42.81 -20.56 8.99
CA ILE B 111 43.25 -21.17 7.73
C ILE B 111 44.42 -20.35 7.19
N GLN B 112 45.11 -20.88 6.19
CA GLN B 112 46.22 -20.18 5.60
C GLN B 112 45.69 -19.17 4.59
N LYS B 113 46.48 -18.13 4.33
CA LYS B 113 46.11 -17.07 3.40
C LYS B 113 45.63 -17.60 2.04
N PRO B 114 44.36 -17.35 1.68
CA PRO B 114 43.72 -17.79 0.43
C PRO B 114 44.16 -17.09 -0.86
N ARG B 115 43.54 -17.49 -1.98
CA ARG B 115 43.86 -16.96 -3.32
C ARG B 115 42.76 -16.06 -3.90
N PRO C 1 -40.19 -16.29 34.35
CA PRO C 1 -39.09 -17.27 34.51
C PRO C 1 -39.26 -18.49 33.61
N LYS C 2 -38.16 -19.22 33.40
CA LYS C 2 -38.16 -20.39 32.53
C LYS C 2 -39.13 -21.49 32.99
N THR C 3 -39.85 -22.08 32.05
CA THR C 3 -40.80 -23.13 32.41
C THR C 3 -40.05 -24.45 32.42
N GLN C 4 -40.73 -25.53 32.83
CA GLN C 4 -40.09 -26.83 32.89
C GLN C 4 -39.81 -27.36 31.49
N ARG C 5 -40.54 -26.85 30.51
CA ARG C 5 -40.33 -27.28 29.13
C ARG C 5 -39.19 -26.47 28.50
N GLY C 6 -38.60 -25.56 29.27
CA GLY C 6 -37.49 -24.75 28.76
C GLY C 6 -37.91 -23.51 27.99
N ILE C 7 -39.09 -22.99 28.29
CA ILE C 7 -39.62 -21.82 27.61
C ILE C 7 -39.58 -20.55 28.44
N TYR C 8 -39.21 -19.44 27.79
CA TYR C 8 -39.20 -18.13 28.42
C TYR C 8 -40.32 -17.32 27.77
N HIS C 9 -41.45 -17.19 28.45
CA HIS C 9 -42.57 -16.43 27.90
C HIS C 9 -42.29 -14.94 28.00
N ASN C 10 -41.27 -14.57 28.77
CA ASN C 10 -40.84 -13.18 28.92
C ASN C 10 -39.45 -13.19 28.31
N LEU C 11 -39.35 -12.74 27.06
CA LEU C 11 -38.08 -12.75 26.33
C LEU C 11 -36.91 -12.04 26.96
N LYS C 12 -37.15 -10.99 27.74
CA LYS C 12 -36.04 -10.28 28.36
C LYS C 12 -35.33 -11.11 29.43
N GLU C 13 -35.95 -12.21 29.85
CA GLU C 13 -35.34 -13.06 30.87
C GLU C 13 -34.58 -14.23 30.24
N SER C 14 -34.79 -14.43 28.94
CA SER C 14 -34.20 -15.53 28.19
C SER C 14 -32.67 -15.68 28.15
N GLU C 15 -32.22 -16.93 28.15
CA GLU C 15 -30.80 -17.24 28.08
C GLU C 15 -30.45 -17.59 26.64
N TYR C 16 -31.47 -17.65 25.77
CA TYR C 16 -31.27 -18.01 24.37
C TYR C 16 -31.14 -16.74 23.54
N VAL C 17 -29.89 -16.49 23.13
CA VAL C 17 -29.51 -15.28 22.43
C VAL C 17 -28.61 -15.52 21.21
N ALA C 18 -28.82 -14.71 20.17
CA ALA C 18 -28.01 -14.76 18.97
C ALA C 18 -27.63 -13.32 18.68
N SER C 19 -26.43 -13.10 18.15
CA SER C 19 -25.97 -11.74 17.85
C SER C 19 -25.17 -11.73 16.55
N ASN C 20 -25.11 -10.57 15.89
CA ASN C 20 -24.33 -10.46 14.67
C ASN C 20 -23.23 -9.42 14.94
N THR C 21 -23.02 -9.18 16.24
CA THR C 21 -22.06 -8.21 16.80
C THR C 21 -22.58 -6.78 16.89
N ASP C 22 -23.68 -6.49 16.20
CA ASP C 22 -24.29 -5.16 16.25
C ASP C 22 -25.66 -5.30 16.91
N VAL C 23 -26.40 -6.32 16.52
CA VAL C 23 -27.74 -6.54 17.05
C VAL C 23 -27.81 -7.88 17.77
N THR C 24 -28.64 -7.95 18.80
CA THR C 24 -28.81 -9.19 19.52
C THR C 24 -30.31 -9.50 19.58
N PHE C 25 -30.68 -10.72 19.20
CA PHE C 25 -32.07 -11.17 19.22
C PHE C 25 -32.23 -12.20 20.35
N PHE C 26 -33.35 -12.15 21.05
CA PHE C 26 -33.64 -13.09 22.13
C PHE C 26 -34.74 -14.05 21.71
N PHE C 27 -34.61 -15.30 22.15
CA PHE C 27 -35.58 -16.32 21.79
C PHE C 27 -36.23 -16.93 23.01
N SER C 28 -37.47 -17.40 22.84
CA SER C 28 -38.21 -17.97 23.94
C SER C 28 -37.84 -19.43 24.20
N SER C 29 -37.05 -20.02 23.30
CA SER C 29 -36.63 -21.41 23.45
C SER C 29 -35.39 -21.75 22.63
N GLU C 30 -34.71 -22.82 23.02
CA GLU C 30 -33.51 -23.23 22.32
C GLU C 30 -33.88 -23.69 20.91
N LEU C 31 -35.08 -24.26 20.79
CA LEU C 31 -35.58 -24.72 19.49
C LEU C 31 -35.65 -23.57 18.49
N TYR C 32 -36.25 -22.45 18.89
CA TYR C 32 -36.35 -21.29 18.00
C TYR C 32 -34.99 -20.67 17.73
N LEU C 33 -34.13 -20.58 18.75
CA LEU C 33 -32.80 -20.01 18.54
C LEU C 33 -32.06 -20.82 17.47
N ASN C 34 -32.15 -22.15 17.55
CA ASN C 34 -31.47 -22.99 16.58
C ASN C 34 -32.10 -22.95 15.20
N LYS C 35 -33.41 -22.74 15.14
CA LYS C 35 -34.08 -22.67 13.85
C LYS C 35 -33.58 -21.42 13.13
N PHE C 36 -33.43 -20.33 13.87
CA PHE C 36 -32.95 -19.08 13.28
C PHE C 36 -31.51 -19.24 12.79
N LEU C 37 -30.65 -19.76 13.66
CA LEU C 37 -29.24 -19.95 13.31
C LEU C 37 -29.00 -20.90 12.14
N ASP C 38 -29.80 -21.96 12.08
CA ASP C 38 -29.68 -22.95 11.01
C ASP C 38 -30.33 -22.55 9.70
N GLY C 39 -31.14 -21.49 9.69
CA GLY C 39 -31.79 -21.15 8.44
C GLY C 39 -31.72 -19.73 7.92
N TYR C 40 -31.09 -18.83 8.66
CA TYR C 40 -31.01 -17.46 8.22
C TYR C 40 -30.21 -17.25 6.94
N GLN C 41 -29.15 -18.05 6.74
CA GLN C 41 -28.33 -17.90 5.54
C GLN C 41 -29.14 -18.26 4.29
N GLU C 42 -29.89 -19.36 4.37
CA GLU C 42 -30.71 -19.79 3.25
C GLU C 42 -31.87 -18.81 3.07
N TYR C 43 -32.39 -18.29 4.18
CA TYR C 43 -33.48 -17.35 4.08
C TYR C 43 -33.06 -16.08 3.35
N ARG C 44 -31.82 -15.64 3.57
CA ARG C 44 -31.32 -14.45 2.89
C ARG C 44 -31.41 -14.61 1.37
N LYS C 45 -31.10 -15.80 0.88
CA LYS C 45 -31.14 -16.06 -0.56
C LYS C 45 -32.56 -16.00 -1.10
N LYS C 46 -33.51 -16.58 -0.39
CA LYS C 46 -34.90 -16.56 -0.83
C LYS C 46 -35.48 -15.14 -0.75
N PHE C 47 -35.14 -14.43 0.31
CA PHE C 47 -35.62 -13.06 0.52
C PHE C 47 -35.08 -12.12 -0.55
N ASN C 48 -33.77 -12.17 -0.77
CA ASN C 48 -33.13 -11.33 -1.77
C ASN C 48 -33.71 -11.58 -3.16
N LYS C 49 -34.13 -12.81 -3.40
CA LYS C 49 -34.71 -13.16 -4.68
C LYS C 49 -36.10 -12.55 -4.78
N LYS C 50 -36.88 -12.65 -3.70
CA LYS C 50 -38.22 -12.07 -3.69
C LYS C 50 -38.20 -10.55 -3.90
N ILE C 51 -37.30 -9.87 -3.21
CA ILE C 51 -37.19 -8.43 -3.34
C ILE C 51 -36.77 -8.05 -4.76
N GLU C 52 -35.75 -8.75 -5.25
CA GLU C 52 -35.21 -8.51 -6.59
C GLU C 52 -36.33 -8.54 -7.64
N ARG C 53 -37.34 -9.37 -7.42
CA ARG C 53 -38.44 -9.44 -8.38
C ARG C 53 -39.34 -8.19 -8.32
N VAL C 54 -39.31 -7.47 -7.21
CA VAL C 54 -40.11 -6.27 -7.06
C VAL C 54 -39.29 -5.06 -7.53
N ALA C 55 -38.01 -5.03 -7.16
CA ALA C 55 -37.15 -3.93 -7.54
C ALA C 55 -35.69 -4.30 -7.48
N VAL C 56 -34.97 -3.95 -8.54
CA VAL C 56 -33.56 -4.20 -8.62
C VAL C 56 -32.90 -3.02 -7.95
N THR C 57 -32.03 -3.29 -6.98
CA THR C 57 -31.34 -2.21 -6.30
C THR C 57 -29.89 -2.63 -6.16
N PRO C 58 -29.01 -1.68 -5.86
CA PRO C 58 -27.62 -2.11 -5.73
C PRO C 58 -27.34 -2.58 -4.31
N TRP C 59 -28.38 -2.66 -3.48
CA TRP C 59 -28.24 -3.03 -2.07
C TRP C 59 -28.26 -4.50 -1.68
N ASN C 60 -27.74 -4.72 -0.48
CA ASN C 60 -27.64 -6.01 0.18
C ASN C 60 -28.68 -5.94 1.29
N MET C 61 -29.83 -6.57 1.10
CA MET C 61 -30.87 -6.51 2.12
C MET C 61 -30.83 -7.66 3.12
N ASP C 62 -29.63 -8.17 3.40
CA ASP C 62 -29.48 -9.28 4.34
C ASP C 62 -30.02 -9.02 5.74
N MET C 63 -29.75 -7.84 6.31
CA MET C 63 -30.20 -7.55 7.66
C MET C 63 -31.73 -7.49 7.71
N LEU C 64 -32.34 -6.94 6.66
CA LEU C 64 -33.79 -6.88 6.60
C LEU C 64 -34.33 -8.31 6.54
N ALA C 65 -33.63 -9.18 5.81
CA ALA C 65 -34.05 -10.57 5.72
C ALA C 65 -33.94 -11.22 7.09
N ASP C 66 -32.88 -10.87 7.81
CA ASP C 66 -32.63 -11.42 9.14
C ASP C 66 -33.73 -11.01 10.13
N ILE C 67 -34.14 -9.75 10.10
CA ILE C 67 -35.21 -9.26 10.97
C ILE C 67 -36.49 -10.00 10.60
N THR C 68 -36.72 -10.13 9.30
CA THR C 68 -37.92 -10.78 8.81
C THR C 68 -37.96 -12.26 9.21
N PHE C 69 -36.81 -12.92 9.18
CA PHE C 69 -36.73 -14.35 9.53
C PHE C 69 -36.93 -14.51 11.04
N TYR C 70 -36.33 -13.62 11.82
CA TYR C 70 -36.48 -13.66 13.26
C TYR C 70 -37.96 -13.56 13.62
N SER C 71 -38.68 -12.64 12.97
CA SER C 71 -40.11 -12.46 13.22
C SER C 71 -40.92 -13.70 12.84
N GLU C 72 -40.43 -14.46 11.88
CA GLU C 72 -41.13 -15.67 11.46
C GLU C 72 -40.81 -16.84 12.39
N VAL C 73 -39.56 -16.93 12.82
CA VAL C 73 -39.10 -18.01 13.69
C VAL C 73 -39.56 -17.90 15.14
N GLU C 74 -39.34 -16.74 15.74
CA GLU C 74 -39.74 -16.52 17.13
C GLU C 74 -41.25 -16.26 17.15
N LYS C 75 -41.98 -17.15 17.82
CA LYS C 75 -43.43 -17.07 17.91
C LYS C 75 -43.94 -16.46 19.21
N ARG C 76 -43.04 -16.13 20.14
CA ARG C 76 -43.49 -15.57 21.41
C ARG C 76 -43.08 -14.13 21.66
N GLY C 77 -42.94 -13.36 20.59
CA GLY C 77 -42.59 -11.96 20.75
C GLY C 77 -41.37 -11.49 20.00
N PHE C 78 -40.99 -10.25 20.29
CA PHE C 78 -39.86 -9.60 19.67
C PHE C 78 -39.05 -8.93 20.77
N HIS C 79 -37.77 -9.21 20.82
CA HIS C 79 -36.96 -8.54 21.82
C HIS C 79 -35.55 -8.47 21.28
N ALA C 80 -35.01 -7.26 21.19
CA ALA C 80 -33.67 -7.06 20.67
C ALA C 80 -32.90 -5.97 21.36
N TRP C 81 -31.59 -6.01 21.16
CA TRP C 81 -30.69 -5.01 21.66
C TRP C 81 -29.94 -4.51 20.44
N LEU C 82 -29.51 -3.26 20.47
CA LEU C 82 -28.73 -2.69 19.40
C LEU C 82 -27.55 -2.02 20.11
N LYS C 83 -26.33 -2.36 19.70
CA LYS C 83 -25.13 -1.79 20.33
C LYS C 83 -25.19 -1.88 21.86
N GLY C 84 -25.70 -2.99 22.37
CA GLY C 84 -25.77 -3.17 23.81
C GLY C 84 -26.99 -2.66 24.56
N ASP C 85 -27.83 -1.85 23.91
CA ASP C 85 -29.02 -1.31 24.57
C ASP C 85 -30.32 -1.88 24.01
N ASN C 86 -31.37 -1.87 24.82
CA ASN C 86 -32.66 -2.38 24.37
C ASN C 86 -33.08 -1.59 23.13
N ALA C 87 -33.51 -2.31 22.09
CA ALA C 87 -33.94 -1.65 20.86
C ALA C 87 -35.32 -2.07 20.45
N THR C 88 -36.12 -1.09 20.03
CA THR C 88 -37.46 -1.35 19.57
C THR C 88 -37.42 -1.93 18.15
N TRP C 89 -38.54 -2.50 17.74
CA TRP C 89 -38.72 -3.04 16.40
C TRP C 89 -38.35 -1.94 15.38
N ARG C 90 -38.80 -0.72 15.63
CA ARG C 90 -38.52 0.37 14.71
C ARG C 90 -37.03 0.69 14.66
N GLU C 91 -36.38 0.78 15.83
CA GLU C 91 -34.96 1.08 15.87
C GLU C 91 -34.10 0.03 15.17
N VAL C 92 -34.54 -1.22 15.21
CA VAL C 92 -33.78 -2.28 14.53
C VAL C 92 -33.94 -2.07 13.03
N HIS C 93 -35.14 -1.66 12.63
CA HIS C 93 -35.37 -1.40 11.22
C HIS C 93 -34.55 -0.22 10.73
N VAL C 94 -34.39 0.80 11.58
CA VAL C 94 -33.56 1.95 11.21
C VAL C 94 -32.10 1.49 11.00
N TYR C 95 -31.68 0.55 11.83
CA TYR C 95 -30.32 0.02 11.72
C TYR C 95 -30.18 -0.75 10.40
N ALA C 96 -31.20 -1.53 10.05
CA ALA C 96 -31.19 -2.33 8.82
C ALA C 96 -31.12 -1.45 7.56
N LEU C 97 -31.67 -0.24 7.64
CA LEU C 97 -31.63 0.70 6.51
C LEU C 97 -30.24 1.28 6.35
N ARG C 98 -29.65 1.67 7.47
CA ARG C 98 -28.33 2.29 7.47
C ARG C 98 -27.20 1.33 7.09
N ILE C 99 -27.36 0.07 7.44
CA ILE C 99 -26.34 -0.94 7.19
C ILE C 99 -26.51 -1.58 5.80
N MET C 100 -27.62 -1.28 5.14
CA MET C 100 -27.91 -1.83 3.82
C MET C 100 -26.88 -1.47 2.75
N THR C 101 -26.22 -0.33 2.92
CA THR C 101 -25.22 0.10 1.94
C THR C 101 -23.82 -0.47 2.17
N LYS C 102 -23.67 -1.33 3.16
CA LYS C 102 -22.37 -1.95 3.44
C LYS C 102 -22.20 -3.18 2.58
N PRO C 103 -21.04 -3.31 1.91
CA PRO C 103 -20.75 -4.45 1.05
C PRO C 103 -20.76 -5.81 1.76
N ASN C 104 -20.15 -5.86 2.93
CA ASN C 104 -20.08 -7.09 3.69
C ASN C 104 -21.28 -7.24 4.61
N THR C 105 -21.67 -8.49 4.87
CA THR C 105 -22.81 -8.77 5.73
C THR C 105 -22.34 -9.51 6.97
N LEU C 106 -22.82 -9.07 8.13
CA LEU C 106 -22.46 -9.70 9.40
C LEU C 106 -23.27 -10.96 9.59
N ASP C 107 -22.61 -12.05 9.99
CA ASP C 107 -23.31 -13.30 10.24
C ASP C 107 -23.76 -13.39 11.70
N TRP C 108 -24.57 -14.40 12.01
CA TRP C 108 -25.10 -14.59 13.36
C TRP C 108 -24.54 -15.78 14.10
N SER C 109 -24.31 -15.60 15.39
CA SER C 109 -23.83 -16.70 16.24
C SER C 109 -24.53 -16.65 17.59
N ARG C 110 -24.62 -17.79 18.24
CA ARG C 110 -25.21 -17.85 19.55
C ARG C 110 -24.18 -17.24 20.50
N ILE C 111 -24.66 -16.53 21.51
CA ILE C 111 -23.76 -15.95 22.51
C ILE C 111 -24.44 -16.15 23.85
N GLN C 112 -23.71 -15.96 24.94
CA GLN C 112 -24.32 -16.06 26.25
C GLN C 112 -24.87 -14.65 26.49
N LYS C 113 -25.99 -14.54 27.19
CA LYS C 113 -26.56 -13.23 27.46
C LYS C 113 -25.55 -12.34 28.19
N PRO C 114 -25.28 -11.13 27.66
CA PRO C 114 -24.33 -10.23 28.30
C PRO C 114 -24.77 -9.85 29.71
N ARG C 115 -23.80 -9.77 30.62
CA ARG C 115 -24.04 -9.43 32.01
C ARG C 115 -22.79 -9.71 32.82
N PRO D 1 -29.58 16.73 -30.45
CA PRO D 1 -30.36 16.83 -31.70
C PRO D 1 -31.53 15.86 -31.72
N LYS D 2 -32.75 16.39 -31.69
CA LYS D 2 -33.94 15.56 -31.71
C LYS D 2 -34.21 15.07 -33.14
N THR D 3 -34.36 13.76 -33.29
CA THR D 3 -34.60 13.16 -34.60
C THR D 3 -35.96 13.57 -35.14
N GLN D 4 -36.19 13.28 -36.42
CA GLN D 4 -37.46 13.62 -37.06
C GLN D 4 -38.60 12.83 -36.42
N ARG D 5 -38.24 11.83 -35.62
CA ARG D 5 -39.22 11.01 -34.92
C ARG D 5 -39.56 11.62 -33.56
N GLY D 6 -38.77 12.62 -33.15
CA GLY D 6 -39.00 13.27 -31.87
C GLY D 6 -38.28 12.58 -30.73
N ILE D 7 -37.19 11.91 -31.07
CA ILE D 7 -36.41 11.15 -30.10
C ILE D 7 -35.03 11.75 -29.82
N TYR D 8 -34.64 11.71 -28.56
CA TYR D 8 -33.32 12.18 -28.13
C TYR D 8 -32.52 10.94 -27.75
N HIS D 9 -31.56 10.57 -28.59
CA HIS D 9 -30.74 9.40 -28.32
C HIS D 9 -29.66 9.73 -27.28
N ASN D 10 -29.49 11.02 -27.03
CA ASN D 10 -28.55 11.50 -26.04
C ASN D 10 -29.44 12.22 -25.05
N LEU D 11 -29.81 11.52 -23.98
CA LEU D 11 -30.71 12.04 -22.96
C LEU D 11 -30.36 13.39 -22.34
N LYS D 12 -29.07 13.68 -22.21
CA LYS D 12 -28.66 14.95 -21.63
C LYS D 12 -29.13 16.14 -22.44
N GLU D 13 -29.47 15.91 -23.70
CA GLU D 13 -29.93 16.98 -24.57
C GLU D 13 -31.45 17.06 -24.63
N SER D 14 -32.12 16.14 -23.95
CA SER D 14 -33.58 16.11 -23.98
C SER D 14 -34.33 17.30 -23.40
N GLU D 15 -35.48 17.57 -24.01
CA GLU D 15 -36.35 18.64 -23.54
C GLU D 15 -37.50 18.02 -22.76
N TYR D 16 -37.49 16.69 -22.66
CA TYR D 16 -38.54 15.95 -21.95
C TYR D 16 -37.95 15.54 -20.60
N VAL D 17 -38.33 16.28 -19.57
CA VAL D 17 -37.80 16.05 -18.24
C VAL D 17 -38.88 16.17 -17.16
N ALA D 18 -38.66 15.47 -16.04
CA ALA D 18 -39.58 15.52 -14.92
C ALA D 18 -38.74 15.66 -13.66
N SER D 19 -39.26 16.37 -12.67
CA SER D 19 -38.51 16.57 -11.44
C SER D 19 -39.43 16.48 -10.23
N ASN D 20 -38.89 16.01 -9.10
CA ASN D 20 -39.67 15.95 -7.87
C ASN D 20 -39.09 17.01 -6.92
N THR D 21 -38.28 17.91 -7.47
CA THR D 21 -37.64 18.98 -6.70
C THR D 21 -36.28 18.57 -6.12
N ASP D 22 -36.03 17.27 -6.02
CA ASP D 22 -34.75 16.74 -5.53
C ASP D 22 -34.04 16.05 -6.69
N VAL D 23 -34.82 15.29 -7.45
CA VAL D 23 -34.31 14.52 -8.58
C VAL D 23 -34.96 14.92 -9.89
N THR D 24 -34.17 14.85 -10.95
CA THR D 24 -34.66 15.15 -12.29
C THR D 24 -34.36 13.94 -13.18
N PHE D 25 -35.39 13.41 -13.82
CA PHE D 25 -35.26 12.26 -14.72
C PHE D 25 -35.40 12.75 -16.16
N PHE D 26 -34.51 12.30 -17.04
CA PHE D 26 -34.52 12.67 -18.44
C PHE D 26 -35.10 11.54 -19.30
N PHE D 27 -36.00 11.89 -20.22
CA PHE D 27 -36.65 10.92 -21.10
C PHE D 27 -36.26 11.10 -22.57
N SER D 28 -36.18 9.99 -23.30
CA SER D 28 -35.82 10.02 -24.71
C SER D 28 -36.94 10.51 -25.62
N SER D 29 -38.15 10.60 -25.08
CA SER D 29 -39.29 11.00 -25.88
C SER D 29 -40.39 11.56 -25.01
N GLU D 30 -41.32 12.28 -25.63
CA GLU D 30 -42.45 12.86 -24.91
C GLU D 30 -43.44 11.77 -24.50
N LEU D 31 -43.47 10.69 -25.27
CA LEU D 31 -44.35 9.58 -24.97
C LEU D 31 -43.94 8.93 -23.64
N TYR D 32 -42.64 8.71 -23.45
CA TYR D 32 -42.16 8.10 -22.23
C TYR D 32 -42.33 9.05 -21.04
N LEU D 33 -42.06 10.33 -21.26
CA LEU D 33 -42.24 11.31 -20.20
C LEU D 33 -43.67 11.28 -19.70
N ASN D 34 -44.64 11.25 -20.61
CA ASN D 34 -46.03 11.21 -20.19
C ASN D 34 -46.45 9.89 -19.55
N LYS D 35 -45.87 8.78 -19.98
CA LYS D 35 -46.22 7.51 -19.35
C LYS D 35 -45.81 7.59 -17.88
N PHE D 36 -44.62 8.12 -17.64
CA PHE D 36 -44.13 8.25 -16.28
C PHE D 36 -45.02 9.15 -15.42
N LEU D 37 -45.29 10.35 -15.92
CA LEU D 37 -46.12 11.30 -15.19
C LEU D 37 -47.54 10.80 -14.96
N ASP D 38 -48.10 10.14 -15.96
CA ASP D 38 -49.48 9.63 -15.87
C ASP D 38 -49.59 8.36 -15.04
N GLY D 39 -48.49 7.66 -14.84
CA GLY D 39 -48.63 6.42 -14.09
C GLY D 39 -47.87 6.20 -12.79
N TYR D 40 -46.99 7.13 -12.41
CA TYR D 40 -46.19 6.94 -11.20
C TYR D 40 -46.99 6.87 -9.90
N GLN D 41 -48.10 7.60 -9.82
CA GLN D 41 -48.90 7.57 -8.59
C GLN D 41 -49.50 6.19 -8.38
N GLU D 42 -50.08 5.59 -9.41
CA GLU D 42 -50.65 4.27 -9.26
C GLU D 42 -49.57 3.22 -9.11
N TYR D 43 -48.42 3.44 -9.73
CA TYR D 43 -47.35 2.48 -9.59
C TYR D 43 -46.90 2.39 -8.13
N ARG D 44 -46.83 3.53 -7.44
CA ARG D 44 -46.43 3.54 -6.02
C ARG D 44 -47.32 2.61 -5.18
N LYS D 45 -48.63 2.63 -5.45
CA LYS D 45 -49.57 1.79 -4.72
C LYS D 45 -49.33 0.31 -4.99
N LYS D 46 -49.14 -0.03 -6.26
CA LYS D 46 -48.89 -1.41 -6.63
C LYS D 46 -47.55 -1.88 -6.04
N PHE D 47 -46.54 -1.02 -6.13
CA PHE D 47 -45.21 -1.33 -5.61
C PHE D 47 -45.27 -1.66 -4.13
N ASN D 48 -45.89 -0.78 -3.35
CA ASN D 48 -46.01 -0.97 -1.91
C ASN D 48 -46.66 -2.32 -1.56
N LYS D 49 -47.73 -2.67 -2.28
CA LYS D 49 -48.42 -3.94 -2.05
C LYS D 49 -47.50 -5.13 -2.35
N LYS D 50 -46.67 -5.00 -3.37
CA LYS D 50 -45.75 -6.09 -3.71
C LYS D 50 -44.65 -6.24 -2.65
N ILE D 51 -44.11 -5.12 -2.20
CA ILE D 51 -43.05 -5.16 -1.19
C ILE D 51 -43.57 -5.75 0.12
N GLU D 52 -44.76 -5.32 0.54
CA GLU D 52 -45.36 -5.80 1.76
C GLU D 52 -45.57 -7.32 1.80
N ARG D 53 -45.75 -7.92 0.63
CA ARG D 53 -45.93 -9.38 0.58
C ARG D 53 -44.59 -10.01 0.93
N VAL D 54 -43.52 -9.22 0.86
CA VAL D 54 -42.20 -9.73 1.15
C VAL D 54 -41.74 -9.36 2.56
N ALA D 55 -41.89 -8.10 2.94
CA ALA D 55 -41.50 -7.65 4.25
C ALA D 55 -42.30 -6.45 4.71
N VAL D 56 -42.77 -6.51 5.95
CA VAL D 56 -43.53 -5.41 6.54
C VAL D 56 -42.50 -4.54 7.23
N THR D 57 -42.39 -3.29 6.81
CA THR D 57 -41.43 -2.35 7.39
C THR D 57 -42.14 -1.04 7.63
N PRO D 58 -41.51 -0.14 8.41
CA PRO D 58 -42.18 1.14 8.65
C PRO D 58 -41.82 2.20 7.62
N TRP D 59 -41.08 1.80 6.59
CA TRP D 59 -40.59 2.73 5.58
C TRP D 59 -41.48 3.10 4.39
N ASN D 60 -41.23 4.29 3.86
CA ASN D 60 -41.96 4.85 2.71
C ASN D 60 -41.14 4.50 1.45
N MET D 61 -41.62 3.48 0.72
CA MET D 61 -40.95 2.98 -0.48
C MET D 61 -41.24 3.79 -1.75
N ASP D 62 -41.96 4.90 -1.64
CA ASP D 62 -42.31 5.67 -2.83
C ASP D 62 -41.21 6.11 -3.79
N MET D 63 -40.12 6.68 -3.30
CA MET D 63 -39.08 7.10 -4.22
C MET D 63 -38.43 5.90 -4.90
N LEU D 64 -38.34 4.79 -4.19
CA LEU D 64 -37.79 3.58 -4.78
C LEU D 64 -38.75 3.13 -5.89
N ALA D 65 -40.06 3.21 -5.63
CA ALA D 65 -41.04 2.82 -6.64
C ALA D 65 -40.86 3.71 -7.87
N ASP D 66 -40.64 5.00 -7.62
CA ASP D 66 -40.43 5.98 -8.68
C ASP D 66 -39.24 5.69 -9.59
N ILE D 67 -38.09 5.39 -9.02
CA ILE D 67 -36.94 5.12 -9.87
C ILE D 67 -37.17 3.81 -10.60
N THR D 68 -37.86 2.89 -9.94
CA THR D 68 -38.17 1.60 -10.56
C THR D 68 -39.14 1.84 -11.73
N PHE D 69 -40.07 2.78 -11.57
CA PHE D 69 -41.01 3.07 -12.65
C PHE D 69 -40.31 3.77 -13.82
N TYR D 70 -39.39 4.67 -13.50
CA TYR D 70 -38.62 5.36 -14.55
C TYR D 70 -37.85 4.30 -15.34
N SER D 71 -37.33 3.31 -14.65
CA SER D 71 -36.59 2.24 -15.31
C SER D 71 -37.49 1.41 -16.20
N GLU D 72 -38.76 1.27 -15.84
CA GLU D 72 -39.69 0.50 -16.65
C GLU D 72 -40.13 1.28 -17.89
N VAL D 73 -40.35 2.58 -17.69
CA VAL D 73 -40.82 3.46 -18.74
C VAL D 73 -39.80 3.87 -19.81
N GLU D 74 -38.65 4.38 -19.38
CA GLU D 74 -37.64 4.84 -20.34
C GLU D 74 -36.88 3.66 -20.92
N LYS D 75 -37.02 3.44 -22.24
CA LYS D 75 -36.37 2.31 -22.91
C LYS D 75 -35.00 2.59 -23.54
N ARG D 76 -34.69 3.86 -23.78
CA ARG D 76 -33.43 4.15 -24.45
C ARG D 76 -32.24 4.52 -23.59
N GLY D 77 -32.41 4.52 -22.28
CA GLY D 77 -31.27 4.84 -21.42
C GLY D 77 -31.65 5.26 -20.03
N PHE D 78 -30.67 5.80 -19.30
CA PHE D 78 -30.90 6.26 -17.94
C PHE D 78 -30.08 7.54 -17.76
N HIS D 79 -30.73 8.61 -17.34
CA HIS D 79 -30.03 9.87 -17.12
C HIS D 79 -30.76 10.63 -16.03
N ALA D 80 -30.08 10.88 -14.92
CA ALA D 80 -30.70 11.58 -13.80
C ALA D 80 -29.80 12.64 -13.18
N TRP D 81 -30.42 13.58 -12.49
CA TRP D 81 -29.73 14.63 -11.76
C TRP D 81 -30.21 14.48 -10.33
N LEU D 82 -29.32 14.71 -9.38
CA LEU D 82 -29.64 14.68 -7.97
C LEU D 82 -29.15 16.04 -7.45
N LYS D 83 -30.10 16.88 -7.05
CA LYS D 83 -29.76 18.22 -6.56
C LYS D 83 -28.94 18.99 -7.61
N GLY D 84 -29.45 18.99 -8.84
CA GLY D 84 -28.78 19.71 -9.91
C GLY D 84 -27.54 19.08 -10.51
N ASP D 85 -27.05 17.98 -9.95
CA ASP D 85 -25.86 17.35 -10.50
C ASP D 85 -26.11 15.97 -11.11
N ASN D 86 -25.35 15.63 -12.14
CA ASN D 86 -25.50 14.33 -12.79
C ASN D 86 -25.32 13.24 -11.74
N ALA D 87 -26.24 12.29 -11.70
CA ALA D 87 -26.17 11.22 -10.73
C ALA D 87 -26.26 9.85 -11.37
N THR D 88 -25.49 8.90 -10.85
CA THR D 88 -25.51 7.55 -11.38
C THR D 88 -26.74 6.82 -10.85
N TRP D 89 -26.95 5.63 -11.37
CA TRP D 89 -28.08 4.81 -10.95
C TRP D 89 -27.92 4.55 -9.45
N ARG D 90 -26.71 4.18 -9.03
CA ARG D 90 -26.47 3.90 -7.61
C ARG D 90 -26.70 5.12 -6.71
N GLU D 91 -26.29 6.30 -7.16
CA GLU D 91 -26.45 7.52 -6.38
C GLU D 91 -27.92 7.88 -6.18
N VAL D 92 -28.75 7.69 -7.22
CA VAL D 92 -30.17 7.96 -7.09
C VAL D 92 -30.75 6.93 -6.11
N HIS D 93 -30.25 5.70 -6.16
CA HIS D 93 -30.74 4.69 -5.24
C HIS D 93 -30.35 5.00 -3.78
N VAL D 94 -29.19 5.62 -3.57
CA VAL D 94 -28.79 5.98 -2.21
C VAL D 94 -29.78 7.02 -1.70
N TYR D 95 -30.08 8.01 -2.54
CA TYR D 95 -31.05 9.04 -2.18
C TYR D 95 -32.41 8.39 -1.86
N ALA D 96 -32.83 7.42 -2.68
CA ALA D 96 -34.11 6.74 -2.46
C ALA D 96 -34.11 6.02 -1.11
N LEU D 97 -32.97 5.45 -0.76
CA LEU D 97 -32.82 4.71 0.50
C LEU D 97 -32.88 5.63 1.72
N ARG D 98 -32.17 6.74 1.69
CA ARG D 98 -32.18 7.64 2.84
C ARG D 98 -33.53 8.34 3.00
N ILE D 99 -34.21 8.53 1.88
CA ILE D 99 -35.51 9.21 1.83
C ILE D 99 -36.66 8.35 2.37
N MET D 100 -36.43 7.05 2.56
CA MET D 100 -37.44 6.13 3.07
C MET D 100 -37.95 6.45 4.47
N THR D 101 -37.15 7.18 5.24
CA THR D 101 -37.52 7.54 6.60
C THR D 101 -38.44 8.75 6.67
N LYS D 102 -38.75 9.33 5.51
CA LYS D 102 -39.66 10.47 5.50
C LYS D 102 -41.00 9.92 5.01
N PRO D 103 -42.03 9.96 5.87
CA PRO D 103 -43.37 9.47 5.58
C PRO D 103 -44.13 10.18 4.46
N ASN D 104 -43.72 11.39 4.11
CA ASN D 104 -44.39 12.10 3.03
C ASN D 104 -43.52 12.01 1.78
N THR D 105 -44.16 11.94 0.62
CA THR D 105 -43.41 11.80 -0.62
C THR D 105 -43.50 13.01 -1.55
N LEU D 106 -42.38 13.34 -2.18
CA LEU D 106 -42.37 14.43 -3.14
C LEU D 106 -43.00 13.96 -4.44
N ASP D 107 -43.88 14.77 -5.02
CA ASP D 107 -44.50 14.39 -6.28
C ASP D 107 -43.68 14.88 -7.47
N TRP D 108 -44.04 14.43 -8.67
CA TRP D 108 -43.31 14.79 -9.88
C TRP D 108 -44.11 15.68 -10.81
N SER D 109 -43.40 16.51 -11.57
CA SER D 109 -44.05 17.39 -12.53
C SER D 109 -43.09 17.62 -13.68
N ARG D 110 -43.63 17.91 -14.85
CA ARG D 110 -42.75 18.16 -15.97
C ARG D 110 -42.13 19.54 -15.85
N ILE D 111 -40.88 19.65 -16.28
CA ILE D 111 -40.20 20.93 -16.28
C ILE D 111 -40.32 21.41 -17.72
N GLN D 112 -41.21 22.38 -17.96
CA GLN D 112 -41.41 22.92 -19.30
C GLN D 112 -40.16 23.62 -19.82
N LYS D 113 -39.83 23.38 -21.09
CA LYS D 113 -38.65 23.97 -21.73
C LYS D 113 -37.46 24.02 -20.76
N PRO D 114 -37.00 22.86 -20.29
CA PRO D 114 -35.87 22.79 -19.36
C PRO D 114 -34.52 23.00 -20.03
N PRO E 1 28.22 46.94 -3.16
CA PRO E 1 26.92 47.29 -3.81
C PRO E 1 27.02 47.48 -5.32
N LYS E 2 25.87 47.71 -5.92
CA LYS E 2 25.74 47.91 -7.37
C LYS E 2 26.73 48.95 -7.89
N THR E 3 27.30 48.69 -9.06
CA THR E 3 28.25 49.65 -9.65
C THR E 3 27.42 50.72 -10.36
N GLN E 4 28.12 51.74 -10.83
CA GLN E 4 27.49 52.83 -11.56
C GLN E 4 26.69 52.26 -12.74
N ARG E 5 27.24 51.24 -13.39
CA ARG E 5 26.60 50.60 -14.54
C ARG E 5 25.49 49.59 -14.19
N GLY E 6 25.17 49.48 -12.91
CA GLY E 6 24.13 48.56 -12.48
C GLY E 6 24.54 47.11 -12.39
N ILE E 7 25.80 46.86 -12.04
CA ILE E 7 26.31 45.51 -11.93
C ILE E 7 26.62 45.13 -10.49
N TYR E 8 26.33 43.88 -10.13
CA TYR E 8 26.63 43.36 -8.80
C TYR E 8 27.71 42.29 -8.94
N HIS E 9 28.92 42.61 -8.48
CA HIS E 9 30.01 41.64 -8.57
C HIS E 9 29.92 40.63 -7.41
N ASN E 10 29.06 40.93 -6.46
CA ASN E 10 28.82 40.04 -5.33
C ASN E 10 27.31 39.73 -5.42
N LEU E 11 26.99 38.60 -6.05
CA LEU E 11 25.60 38.19 -6.27
C LEU E 11 24.66 38.19 -5.07
N LYS E 12 25.18 37.90 -3.88
CA LYS E 12 24.33 37.87 -2.69
C LYS E 12 23.69 39.23 -2.40
N GLU E 13 24.36 40.31 -2.76
CA GLU E 13 23.83 41.67 -2.52
C GLU E 13 22.84 42.11 -3.59
N SER E 14 22.76 41.36 -4.67
CA SER E 14 21.92 41.71 -5.80
C SER E 14 20.42 41.90 -5.58
N GLU E 15 19.86 42.86 -6.30
CA GLU E 15 18.43 43.13 -6.25
C GLU E 15 17.76 42.67 -7.56
N TYR E 16 18.53 41.94 -8.37
CA TYR E 16 18.05 41.39 -9.65
C TYR E 16 17.87 39.91 -9.34
N VAL E 17 16.63 39.55 -9.04
CA VAL E 17 16.27 38.21 -8.58
C VAL E 17 15.06 37.58 -9.29
N ALA E 18 15.12 36.27 -9.48
CA ALA E 18 14.01 35.54 -10.09
C ALA E 18 13.74 34.34 -9.18
N SER E 19 12.48 33.93 -9.09
CA SER E 19 12.14 32.80 -8.24
C SER E 19 11.03 31.98 -8.87
N ASN E 20 10.95 30.69 -8.52
CA ASN E 20 9.89 29.86 -9.06
C ASN E 20 9.02 29.44 -7.88
N THR E 21 9.19 30.16 -6.76
CA THR E 21 8.53 29.98 -5.46
C THR E 21 9.20 28.94 -4.56
N ASP E 22 10.06 28.11 -5.14
CA ASP E 22 10.78 27.09 -4.36
C ASP E 22 12.26 27.45 -4.35
N VAL E 23 12.74 27.92 -5.49
CA VAL E 23 14.13 28.29 -5.67
C VAL E 23 14.23 29.74 -6.12
N THR E 24 15.30 30.41 -5.71
CA THR E 24 15.55 31.80 -6.06
C THR E 24 16.96 31.94 -6.63
N PHE E 25 17.08 32.55 -7.80
CA PHE E 25 18.36 32.78 -8.47
C PHE E 25 18.65 34.28 -8.44
N PHE E 26 19.93 34.62 -8.22
CA PHE E 26 20.38 36.01 -8.16
C PHE E 26 21.25 36.31 -9.36
N PHE E 27 21.06 37.50 -9.92
CA PHE E 27 21.78 37.92 -11.12
C PHE E 27 22.64 39.14 -10.90
N SER E 28 23.72 39.26 -11.67
CA SER E 28 24.63 40.38 -11.53
C SER E 28 24.18 41.63 -12.28
N SER E 29 23.18 41.50 -13.15
CA SER E 29 22.67 42.64 -13.90
C SER E 29 21.21 42.44 -14.30
N GLU E 30 20.51 43.53 -14.60
CA GLU E 30 19.11 43.43 -15.00
C GLU E 30 19.09 42.77 -16.38
N LEU E 31 20.17 42.94 -17.14
CA LEU E 31 20.29 42.35 -18.47
C LEU E 31 20.25 40.82 -18.41
N TYR E 32 20.97 40.24 -17.45
CA TYR E 32 21.01 38.78 -17.32
C TYR E 32 19.70 38.25 -16.75
N LEU E 33 19.14 38.97 -15.78
CA LEU E 33 17.89 38.56 -15.18
C LEU E 33 16.83 38.43 -16.27
N ASN E 34 16.75 39.43 -17.16
CA ASN E 34 15.74 39.41 -18.23
C ASN E 34 16.01 38.39 -19.33
N LYS E 35 17.28 38.15 -19.63
CA LYS E 35 17.65 37.15 -20.63
C LYS E 35 17.11 35.81 -20.14
N PHE E 36 17.31 35.54 -18.86
CA PHE E 36 16.85 34.30 -18.25
C PHE E 36 15.32 34.23 -18.27
N LEU E 37 14.68 35.27 -17.77
CA LEU E 37 13.22 35.30 -17.72
C LEU E 37 12.61 35.19 -19.13
N ASP E 38 13.21 35.86 -20.10
CA ASP E 38 12.69 35.80 -21.45
C ASP E 38 13.00 34.53 -22.24
N GLY E 39 13.95 33.72 -21.77
CA GLY E 39 14.29 32.54 -22.55
C GLY E 39 14.22 31.16 -21.90
N TYR E 40 13.97 31.10 -20.61
CA TYR E 40 13.93 29.81 -19.93
C TYR E 40 12.87 28.83 -20.42
N GLN E 41 11.72 29.33 -20.87
CA GLN E 41 10.66 28.46 -21.35
C GLN E 41 11.05 27.78 -22.66
N GLU E 42 11.64 28.55 -23.58
CA GLU E 42 12.07 28.01 -24.85
C GLU E 42 13.27 27.08 -24.66
N TYR E 43 14.09 27.40 -23.66
CA TYR E 43 15.27 26.59 -23.37
C TYR E 43 14.87 25.23 -22.82
N ARG E 44 13.76 25.18 -22.07
CA ARG E 44 13.28 23.92 -21.51
C ARG E 44 12.95 22.91 -22.62
N LYS E 45 12.42 23.40 -23.73
CA LYS E 45 12.05 22.52 -24.82
C LYS E 45 13.29 22.04 -25.57
N LYS E 46 14.24 22.93 -25.79
CA LYS E 46 15.48 22.56 -26.46
C LYS E 46 16.26 21.57 -25.59
N PHE E 47 16.23 21.81 -24.27
CA PHE E 47 16.95 20.96 -23.32
C PHE E 47 16.34 19.55 -23.24
N ASN E 48 15.02 19.48 -23.11
CA ASN E 48 14.35 18.19 -23.01
C ASN E 48 14.64 17.37 -24.27
N LYS E 49 14.62 18.04 -25.41
CA LYS E 49 14.89 17.39 -26.69
C LYS E 49 16.30 16.79 -26.67
N LYS E 50 17.29 17.58 -26.27
CA LYS E 50 18.68 17.12 -26.20
C LYS E 50 18.86 15.92 -25.28
N ILE E 51 18.24 15.97 -24.11
CA ILE E 51 18.36 14.86 -23.16
C ILE E 51 17.63 13.62 -23.68
N GLU E 52 16.52 13.83 -24.39
CA GLU E 52 15.76 12.71 -24.94
C GLU E 52 16.61 11.90 -25.90
N ARG E 53 17.47 12.57 -26.64
CA ARG E 53 18.34 11.89 -27.60
C ARG E 53 19.36 11.00 -26.89
N VAL E 54 19.74 11.36 -25.67
CA VAL E 54 20.71 10.57 -24.92
C VAL E 54 20.01 9.44 -24.17
N ALA E 55 18.91 9.77 -23.50
CA ALA E 55 18.18 8.77 -22.75
C ALA E 55 16.71 9.13 -22.60
N VAL E 56 15.86 8.16 -22.89
CA VAL E 56 14.42 8.35 -22.74
C VAL E 56 14.17 7.98 -21.29
N THR E 57 13.45 8.84 -20.58
CA THR E 57 13.14 8.58 -19.18
C THR E 57 11.74 9.13 -18.99
N PRO E 58 11.09 8.77 -17.88
CA PRO E 58 9.73 9.29 -17.65
C PRO E 58 9.75 10.64 -16.90
N TRP E 59 10.92 11.26 -16.80
CA TRP E 59 11.06 12.50 -16.02
C TRP E 59 10.86 13.87 -16.66
N ASN E 60 10.52 14.82 -15.79
CA ASN E 60 10.32 16.22 -16.16
C ASN E 60 11.65 16.88 -15.86
N MET E 61 12.40 17.22 -16.90
CA MET E 61 13.73 17.82 -16.75
C MET E 61 13.72 19.34 -16.64
N ASP E 62 12.55 19.95 -16.56
CA ASP E 62 12.45 21.42 -16.51
C ASP E 62 13.34 22.14 -15.50
N MET E 63 13.37 21.69 -14.25
CA MET E 63 14.20 22.36 -13.25
C MET E 63 15.68 22.24 -13.62
N LEU E 64 16.10 21.06 -14.10
CA LEU E 64 17.49 20.88 -14.49
C LEU E 64 17.80 21.82 -15.66
N ALA E 65 16.84 21.97 -16.56
CA ALA E 65 17.03 22.86 -17.70
C ALA E 65 17.19 24.29 -17.18
N ASP E 66 16.36 24.66 -16.20
CA ASP E 66 16.39 25.99 -15.59
C ASP E 66 17.75 26.27 -14.93
N ILE E 67 18.25 25.28 -14.20
CA ILE E 67 19.56 25.41 -13.56
C ILE E 67 20.62 25.62 -14.64
N THR E 68 20.53 24.82 -15.71
CA THR E 68 21.50 24.91 -16.79
C THR E 68 21.46 26.24 -17.53
N PHE E 69 20.27 26.77 -17.76
CA PHE E 69 20.12 28.05 -18.46
C PHE E 69 20.65 29.21 -17.61
N TYR E 70 20.40 29.14 -16.31
CA TYR E 70 20.88 30.15 -15.36
C TYR E 70 22.41 30.19 -15.41
N SER E 71 23.03 29.02 -15.41
CA SER E 71 24.48 28.92 -15.47
C SER E 71 25.03 29.49 -16.78
N GLU E 72 24.29 29.33 -17.87
CA GLU E 72 24.75 29.87 -19.15
C GLU E 72 24.58 31.39 -19.19
N VAL E 73 23.42 31.87 -18.74
CA VAL E 73 23.11 33.30 -18.74
C VAL E 73 23.92 34.14 -17.77
N GLU E 74 23.95 33.75 -16.49
CA GLU E 74 24.69 34.50 -15.50
C GLU E 74 26.19 34.25 -15.67
N LYS E 75 26.92 35.29 -16.05
CA LYS E 75 28.37 35.19 -16.26
C LYS E 75 29.22 35.57 -15.07
N ARG E 76 28.59 36.02 -13.99
CA ARG E 76 29.39 36.44 -12.84
C ARG E 76 29.23 35.62 -11.57
N GLY E 77 28.95 34.33 -11.72
CA GLY E 77 28.81 33.50 -10.55
C GLY E 77 27.50 32.75 -10.47
N PHE E 78 27.34 32.02 -9.37
CA PHE E 78 26.14 31.24 -9.13
C PHE E 78 25.73 31.51 -7.70
N HIS E 79 24.49 31.93 -7.50
CA HIS E 79 24.03 32.19 -6.14
C HIS E 79 22.54 31.91 -6.05
N ALA E 80 22.16 31.00 -5.15
CA ALA E 80 20.76 30.66 -5.04
C ALA E 80 20.28 30.41 -3.63
N TRP E 81 18.96 30.45 -3.48
CA TRP E 81 18.30 30.14 -2.23
C TRP E 81 17.36 28.97 -2.54
N LEU E 82 17.03 28.23 -1.51
CA LEU E 82 16.13 27.09 -1.64
C LEU E 82 15.24 27.22 -0.43
N LYS E 83 13.93 27.36 -0.66
CA LYS E 83 12.99 27.49 0.45
C LYS E 83 13.40 28.59 1.44
N GLY E 84 13.78 29.75 0.92
CA GLY E 84 14.16 30.86 1.79
C GLY E 84 15.52 30.85 2.44
N ASP E 85 16.36 29.84 2.13
CA ASP E 85 17.69 29.79 2.73
C ASP E 85 18.79 29.65 1.68
N ASN E 86 19.98 30.17 1.99
CA ASN E 86 21.09 30.06 1.07
C ASN E 86 21.28 28.59 0.71
N ALA E 87 21.49 28.29 -0.56
CA ALA E 87 21.67 26.92 -1.00
C ALA E 87 22.89 26.79 -1.89
N THR E 88 23.62 25.70 -1.75
CA THR E 88 24.80 25.51 -2.58
C THR E 88 24.38 24.97 -3.95
N TRP E 89 25.33 25.03 -4.88
CA TRP E 89 25.15 24.53 -6.23
C TRP E 89 24.66 23.08 -6.16
N ARG E 90 25.26 22.30 -5.27
CA ARG E 90 24.88 20.90 -5.13
C ARG E 90 23.47 20.73 -4.55
N GLU E 91 23.14 21.52 -3.54
CA GLU E 91 21.80 21.41 -2.95
C GLU E 91 20.72 21.75 -3.95
N VAL E 92 21.02 22.66 -4.87
CA VAL E 92 20.02 23.03 -5.87
C VAL E 92 19.87 21.87 -6.88
N HIS E 93 20.94 21.14 -7.16
CA HIS E 93 20.85 20.00 -8.06
C HIS E 93 20.08 18.87 -7.38
N VAL E 94 20.24 18.74 -6.06
CA VAL E 94 19.52 17.71 -5.32
C VAL E 94 18.02 18.01 -5.36
N TYR E 95 17.67 19.29 -5.34
CA TYR E 95 16.27 19.69 -5.39
C TYR E 95 15.71 19.35 -6.77
N ALA E 96 16.51 19.59 -7.81
CA ALA E 96 16.08 19.28 -9.17
C ALA E 96 15.83 17.77 -9.35
N LEU E 97 16.68 16.95 -8.73
CA LEU E 97 16.54 15.49 -8.81
C LEU E 97 15.24 15.02 -8.17
N ARG E 98 14.93 15.60 -7.02
CA ARG E 98 13.73 15.27 -6.26
C ARG E 98 12.47 15.70 -6.99
N ILE E 99 12.46 16.95 -7.45
CA ILE E 99 11.30 17.51 -8.13
C ILE E 99 11.06 16.94 -9.53
N MET E 100 12.02 16.17 -10.01
CA MET E 100 11.95 15.55 -11.33
C MET E 100 10.81 14.53 -11.48
N THR E 101 10.44 13.89 -10.37
CA THR E 101 9.37 12.90 -10.41
C THR E 101 7.97 13.51 -10.41
N LYS E 102 7.89 14.84 -10.31
CA LYS E 102 6.60 15.52 -10.30
C LYS E 102 6.25 16.02 -11.69
N PRO E 103 5.01 15.76 -12.13
CA PRO E 103 4.52 16.18 -13.46
C PRO E 103 4.43 17.69 -13.67
N ASN E 104 4.07 18.41 -12.61
CA ASN E 104 3.94 19.86 -12.71
C ASN E 104 5.29 20.56 -12.72
N THR E 105 5.34 21.72 -13.36
CA THR E 105 6.57 22.52 -13.42
C THR E 105 6.25 23.94 -12.96
N LEU E 106 7.06 24.45 -12.03
CA LEU E 106 6.88 25.81 -11.52
C LEU E 106 7.51 26.81 -12.48
N ASP E 107 6.83 27.93 -12.72
CA ASP E 107 7.40 28.93 -13.62
C ASP E 107 8.20 29.97 -12.84
N TRP E 108 8.90 30.84 -13.57
CA TRP E 108 9.75 31.85 -12.96
C TRP E 108 9.24 33.27 -13.10
N SER E 109 9.41 34.05 -12.04
CA SER E 109 9.00 35.46 -12.05
C SER E 109 10.03 36.29 -11.32
N ARG E 110 10.17 37.54 -11.76
CA ARG E 110 11.08 38.44 -11.08
C ARG E 110 10.45 38.77 -9.72
N ILE E 111 11.28 38.92 -8.70
CA ILE E 111 10.79 39.32 -7.37
C ILE E 111 11.78 40.37 -6.87
N GLN E 112 11.37 41.19 -5.90
CA GLN E 112 12.28 42.19 -5.36
C GLN E 112 13.22 41.48 -4.39
N LYS E 113 14.40 42.05 -4.17
CA LYS E 113 15.37 41.43 -3.26
C LYS E 113 14.68 40.96 -1.98
N PRO E 114 14.71 39.63 -1.72
CA PRO E 114 14.09 39.02 -0.55
C PRO E 114 14.95 39.09 0.71
N ARG E 115 14.42 38.51 1.78
CA ARG E 115 15.13 38.48 3.05
C ARG E 115 15.10 37.04 3.56
N PRO F 1 8.53 -21.79 -23.25
CA PRO F 1 9.94 -22.23 -23.08
C PRO F 1 10.82 -21.84 -24.26
N LYS F 2 12.11 -22.11 -24.13
CA LYS F 2 13.09 -21.78 -25.16
C LYS F 2 12.81 -22.46 -26.50
N THR F 3 12.80 -21.67 -27.58
CA THR F 3 12.56 -22.21 -28.92
C THR F 3 13.84 -22.90 -29.37
N GLN F 4 13.77 -23.64 -30.46
CA GLN F 4 14.94 -24.34 -30.97
C GLN F 4 16.08 -23.36 -31.26
N ARG F 5 15.71 -22.13 -31.60
CA ARG F 5 16.69 -21.09 -31.90
C ARG F 5 17.27 -20.49 -30.63
N GLY F 6 16.88 -21.06 -29.49
CA GLY F 6 17.37 -20.58 -28.21
C GLY F 6 16.80 -19.26 -27.76
N ILE F 7 15.54 -18.99 -28.14
CA ILE F 7 14.90 -17.74 -27.78
C ILE F 7 13.73 -17.89 -26.80
N TYR F 8 13.62 -16.91 -25.90
CA TYR F 8 12.51 -16.86 -24.94
C TYR F 8 11.72 -15.63 -25.34
N HIS F 9 10.50 -15.84 -25.85
CA HIS F 9 9.65 -14.73 -26.27
C HIS F 9 8.90 -14.17 -25.07
N ASN F 10 8.92 -14.93 -23.99
CA ASN F 10 8.30 -14.51 -22.73
C ASN F 10 9.50 -14.35 -21.79
N LEU F 11 10.05 -13.15 -21.76
CA LEU F 11 11.22 -12.85 -20.94
C LEU F 11 11.21 -13.37 -19.51
N LYS F 12 10.05 -13.31 -18.85
CA LYS F 12 9.95 -13.77 -17.47
C LYS F 12 10.31 -15.23 -17.23
N GLU F 13 10.50 -16.00 -18.30
CA GLU F 13 10.84 -17.42 -18.19
C GLU F 13 12.30 -17.66 -18.58
N SER F 14 12.96 -16.61 -19.06
CA SER F 14 14.34 -16.74 -19.51
C SER F 14 15.34 -17.20 -18.45
N GLU F 15 16.39 -17.86 -18.92
CA GLU F 15 17.47 -18.36 -18.06
C GLU F 15 18.65 -17.43 -18.27
N TYR F 16 18.48 -16.47 -19.18
CA TYR F 16 19.54 -15.52 -19.50
C TYR F 16 19.26 -14.26 -18.69
N VAL F 17 20.01 -14.11 -17.60
CA VAL F 17 19.81 -12.99 -16.70
C VAL F 17 21.12 -12.35 -16.24
N ALA F 18 21.06 -11.06 -15.97
CA ALA F 18 22.23 -10.33 -15.50
C ALA F 18 21.79 -9.53 -14.29
N SER F 19 22.69 -9.36 -13.33
CA SER F 19 22.34 -8.62 -12.12
C SER F 19 23.50 -7.79 -11.61
N ASN F 20 23.17 -6.71 -10.90
CA ASN F 20 24.19 -5.85 -10.30
C ASN F 20 23.93 -5.89 -8.78
N THR F 21 23.20 -6.92 -8.38
CA THR F 21 22.79 -7.23 -7.00
C THR F 21 21.56 -6.44 -6.52
N ASP F 22 21.24 -5.33 -7.18
CA ASP F 22 20.06 -4.55 -6.83
C ASP F 22 18.99 -4.69 -7.90
N VAL F 23 19.43 -4.78 -9.16
CA VAL F 23 18.50 -4.90 -10.27
C VAL F 23 18.85 -6.12 -11.08
N THR F 24 17.83 -6.73 -11.66
CA THR F 24 18.02 -7.91 -12.49
C THR F 24 17.35 -7.69 -13.85
N PHE F 25 18.10 -7.93 -14.93
CA PHE F 25 17.58 -7.77 -16.28
C PHE F 25 17.46 -9.14 -16.95
N PHE F 26 16.37 -9.35 -17.68
CA PHE F 26 16.12 -10.60 -18.37
C PHE F 26 16.26 -10.45 -19.88
N PHE F 27 16.99 -11.38 -20.51
CA PHE F 27 17.23 -11.36 -21.94
C PHE F 27 16.56 -12.52 -22.68
N SER F 28 16.19 -12.29 -23.93
CA SER F 28 15.51 -13.31 -24.73
C SER F 28 16.49 -14.30 -25.36
N SER F 29 17.78 -13.97 -25.31
CA SER F 29 18.78 -14.85 -25.89
C SER F 29 20.12 -14.68 -25.19
N GLU F 30 20.98 -15.69 -25.32
CA GLU F 30 22.29 -15.63 -24.71
C GLU F 30 23.10 -14.57 -25.45
N LEU F 31 22.79 -14.39 -26.73
CA LEU F 31 23.47 -13.41 -27.57
C LEU F 31 23.32 -12.01 -26.96
N TYR F 32 22.09 -11.64 -26.62
CA TYR F 32 21.81 -10.32 -26.05
C TYR F 32 22.40 -10.13 -24.65
N LEU F 33 22.32 -11.18 -23.82
CA LEU F 33 22.88 -11.13 -22.47
C LEU F 33 24.37 -10.80 -22.54
N ASN F 34 25.09 -11.49 -23.43
CA ASN F 34 26.51 -11.26 -23.54
C ASN F 34 26.87 -9.92 -24.18
N LYS F 35 25.99 -9.42 -25.03
CA LYS F 35 26.23 -8.13 -25.66
C LYS F 35 26.19 -7.09 -24.52
N PHE F 36 25.23 -7.25 -23.63
CA PHE F 36 25.07 -6.37 -22.50
C PHE F 36 26.24 -6.43 -21.50
N LEU F 37 26.61 -7.64 -21.10
CA LEU F 37 27.71 -7.81 -20.16
C LEU F 37 29.05 -7.35 -20.74
N ASP F 38 29.23 -7.57 -22.03
CA ASP F 38 30.47 -7.20 -22.68
C ASP F 38 30.61 -5.71 -23.02
N GLY F 39 29.51 -4.97 -23.06
CA GLY F 39 29.63 -3.57 -23.42
C GLY F 39 29.08 -2.49 -22.52
N TYR F 40 28.49 -2.86 -21.38
CA TYR F 40 27.92 -1.86 -20.50
C TYR F 40 28.94 -0.91 -19.85
N GLN F 41 30.15 -1.39 -19.59
CA GLN F 41 31.16 -0.55 -18.97
C GLN F 41 31.65 0.52 -19.93
N GLU F 42 31.85 0.14 -21.18
CA GLU F 42 32.28 1.10 -22.17
C GLU F 42 31.10 2.04 -22.45
N TYR F 43 29.89 1.50 -22.37
CA TYR F 43 28.71 2.33 -22.66
C TYR F 43 28.54 3.42 -21.61
N ARG F 44 28.88 3.12 -20.37
CA ARG F 44 28.76 4.11 -19.30
C ARG F 44 29.63 5.33 -19.63
N LYS F 45 30.82 5.08 -20.17
CA LYS F 45 31.74 6.14 -20.52
C LYS F 45 31.19 6.98 -21.65
N LYS F 46 30.73 6.32 -22.71
CA LYS F 46 30.15 7.04 -23.83
C LYS F 46 28.93 7.86 -23.37
N PHE F 47 28.11 7.24 -22.53
CA PHE F 47 26.90 7.88 -22.03
C PHE F 47 27.19 9.14 -21.21
N ASN F 48 28.15 9.05 -20.30
CA ASN F 48 28.49 10.18 -19.46
C ASN F 48 28.97 11.37 -20.29
N LYS F 49 29.74 11.09 -21.33
CA LYS F 49 30.24 12.14 -22.19
C LYS F 49 29.09 12.81 -22.93
N LYS F 50 28.12 11.99 -23.39
CA LYS F 50 26.96 12.53 -24.09
C LYS F 50 26.13 13.42 -23.16
N ILE F 51 25.87 12.92 -21.96
CA ILE F 51 25.10 13.67 -20.98
C ILE F 51 25.79 14.97 -20.59
N GLU F 52 27.09 14.90 -20.31
CA GLU F 52 27.86 16.09 -19.91
C GLU F 52 27.77 17.20 -20.94
N ARG F 53 27.63 16.82 -22.20
CA ARG F 53 27.53 17.80 -23.27
C ARG F 53 26.22 18.58 -23.16
N VAL F 54 25.24 18.02 -22.47
CA VAL F 54 23.95 18.68 -22.30
C VAL F 54 23.88 19.42 -20.96
N ALA F 55 24.37 18.80 -19.90
CA ALA F 55 24.36 19.43 -18.59
C ALA F 55 25.46 18.88 -17.69
N VAL F 56 26.08 19.78 -16.94
CA VAL F 56 27.13 19.39 -16.00
C VAL F 56 26.46 19.24 -14.66
N THR F 57 26.37 18.00 -14.17
CA THR F 57 25.74 17.74 -12.89
C THR F 57 26.67 16.94 -11.99
N PRO F 58 26.36 16.88 -10.70
CA PRO F 58 27.18 16.12 -9.75
C PRO F 58 26.72 14.67 -9.63
N TRP F 59 25.82 14.25 -10.53
CA TRP F 59 25.26 12.91 -10.48
C TRP F 59 25.99 11.77 -11.17
N ASN F 60 25.83 10.59 -10.58
CA ASN F 60 26.40 9.34 -11.10
C ASN F 60 25.31 8.79 -12.03
N MET F 61 25.52 8.93 -13.34
CA MET F 61 24.56 8.48 -14.34
C MET F 61 24.72 7.01 -14.75
N ASP F 62 25.59 6.28 -14.08
CA ASP F 62 25.84 4.89 -14.45
C ASP F 62 24.61 3.97 -14.55
N MET F 63 23.71 4.01 -13.59
CA MET F 63 22.53 3.15 -13.67
C MET F 63 21.58 3.56 -14.78
N LEU F 64 21.47 4.86 -15.05
CA LEU F 64 20.62 5.31 -16.14
C LEU F 64 21.24 4.82 -17.45
N ALA F 65 22.56 4.86 -17.52
CA ALA F 65 23.27 4.37 -18.71
C ALA F 65 22.97 2.87 -18.89
N ASP F 66 22.99 2.14 -17.78
CA ASP F 66 22.72 0.69 -17.80
C ASP F 66 21.32 0.38 -18.32
N ILE F 67 20.32 1.11 -17.84
CA ILE F 67 18.94 0.90 -18.29
C ILE F 67 18.82 1.24 -19.79
N THR F 68 19.50 2.30 -20.20
CA THR F 68 19.47 2.71 -21.60
C THR F 68 20.17 1.67 -22.48
N PHE F 69 21.27 1.10 -21.98
CA PHE F 69 22.00 0.09 -22.75
C PHE F 69 21.18 -1.20 -22.86
N TYR F 70 20.49 -1.55 -21.77
CA TYR F 70 19.65 -2.74 -21.76
C TYR F 70 18.56 -2.57 -22.83
N SER F 71 18.00 -1.36 -22.91
CA SER F 71 16.95 -1.05 -23.87
C SER F 71 17.48 -1.13 -25.29
N GLU F 72 18.76 -0.84 -25.46
CA GLU F 72 19.38 -0.88 -26.76
C GLU F 72 19.65 -2.31 -27.20
N VAL F 73 20.16 -3.13 -26.26
CA VAL F 73 20.51 -4.51 -26.55
C VAL F 73 19.36 -5.50 -26.73
N GLU F 74 18.44 -5.50 -25.78
CA GLU F 74 17.30 -6.42 -25.82
C GLU F 74 16.23 -5.95 -26.80
N LYS F 75 16.00 -6.75 -27.83
CA LYS F 75 15.03 -6.39 -28.86
C LYS F 75 13.64 -6.98 -28.67
N ARG F 76 13.55 -8.06 -27.90
CA ARG F 76 12.27 -8.72 -27.75
C ARG F 76 11.36 -8.30 -26.60
N GLY F 77 11.78 -7.31 -25.83
CA GLY F 77 10.94 -6.87 -24.73
C GLY F 77 11.69 -6.20 -23.61
N PHE F 78 11.02 -6.05 -22.47
CA PHE F 78 11.62 -5.43 -21.30
C PHE F 78 11.11 -6.15 -20.07
N HIS F 79 12.01 -6.74 -19.29
CA HIS F 79 11.62 -7.43 -18.07
C HIS F 79 12.73 -7.31 -17.02
N ALA F 80 12.37 -6.79 -15.85
CA ALA F 80 13.35 -6.60 -14.79
C ALA F 80 12.83 -6.83 -13.39
N TRP F 81 13.75 -7.20 -12.51
CA TRP F 81 13.46 -7.39 -11.09
C TRP F 81 14.19 -6.26 -10.37
N LEU F 82 13.47 -5.56 -9.50
CA LEU F 82 14.06 -4.47 -8.72
C LEU F 82 14.30 -5.11 -7.37
N LYS F 83 15.33 -5.96 -7.32
CA LYS F 83 15.68 -6.68 -6.10
C LYS F 83 14.55 -7.66 -5.79
N GLY F 84 14.69 -8.90 -6.26
CA GLY F 84 13.70 -9.91 -6.01
C GLY F 84 12.34 -9.79 -6.67
N ASP F 85 11.74 -8.61 -6.62
CA ASP F 85 10.40 -8.41 -7.20
C ASP F 85 10.36 -7.87 -8.63
N ASN F 86 9.29 -8.21 -9.34
CA ASN F 86 9.10 -7.75 -10.70
C ASN F 86 8.96 -6.23 -10.68
N ALA F 87 9.75 -5.56 -11.53
CA ALA F 87 9.72 -4.10 -11.59
C ALA F 87 9.49 -3.60 -13.00
N THR F 88 8.68 -2.55 -13.12
CA THR F 88 8.40 -1.95 -14.41
C THR F 88 9.50 -1.01 -14.86
N TRP F 89 9.40 -0.55 -16.10
CA TRP F 89 10.35 0.39 -16.68
C TRP F 89 10.45 1.60 -15.76
N ARG F 90 9.30 2.17 -15.44
CA ARG F 90 9.24 3.34 -14.57
C ARG F 90 9.87 3.10 -13.19
N GLU F 91 9.61 1.95 -12.60
CA GLU F 91 10.15 1.63 -11.27
C GLU F 91 11.67 1.49 -11.31
N VAL F 92 12.19 0.95 -12.42
CA VAL F 92 13.63 0.80 -12.53
C VAL F 92 14.25 2.17 -12.68
N HIS F 93 13.53 3.09 -13.32
CA HIS F 93 14.01 4.45 -13.50
C HIS F 93 13.99 5.22 -12.18
N VAL F 94 13.04 4.91 -11.30
CA VAL F 94 12.95 5.57 -10.00
C VAL F 94 14.19 5.19 -9.19
N TYR F 95 14.50 3.90 -9.18
CA TYR F 95 15.67 3.40 -8.48
C TYR F 95 16.92 4.10 -9.05
N ALA F 96 16.93 4.31 -10.36
CA ALA F 96 18.07 4.98 -11.01
C ALA F 96 18.24 6.41 -10.49
N LEU F 97 17.16 7.16 -10.39
CA LEU F 97 17.20 8.54 -9.89
C LEU F 97 17.69 8.55 -8.45
N ARG F 98 17.16 7.61 -7.67
CA ARG F 98 17.49 7.48 -6.27
C ARG F 98 18.99 7.37 -6.01
N ILE F 99 19.65 6.47 -6.74
CA ILE F 99 21.08 6.24 -6.55
C ILE F 99 22.03 7.16 -7.31
N MET F 100 21.51 8.20 -7.96
CA MET F 100 22.39 9.09 -8.69
C MET F 100 23.24 9.92 -7.74
N THR F 101 22.81 9.99 -6.48
CA THR F 101 23.51 10.81 -5.49
C THR F 101 24.77 10.17 -4.89
N LYS F 102 25.02 8.91 -5.21
CA LYS F 102 26.19 8.20 -4.68
C LYS F 102 27.23 7.94 -5.76
N PRO F 103 28.51 8.18 -5.44
CA PRO F 103 29.59 7.97 -6.39
C PRO F 103 29.90 6.50 -6.72
N ASN F 104 29.54 5.60 -5.84
CA ASN F 104 29.80 4.19 -6.08
C ASN F 104 28.81 3.61 -7.09
N THR F 105 29.29 2.72 -7.94
CA THR F 105 28.42 2.09 -8.93
C THR F 105 28.57 0.57 -8.85
N LEU F 106 27.44 -0.12 -8.88
CA LEU F 106 27.44 -1.58 -8.82
C LEU F 106 27.66 -2.14 -10.22
N ASP F 107 28.53 -3.14 -10.34
CA ASP F 107 28.77 -3.74 -11.64
C ASP F 107 27.80 -4.90 -11.90
N TRP F 108 27.81 -5.41 -13.12
CA TRP F 108 26.89 -6.49 -13.50
C TRP F 108 27.60 -7.80 -13.81
N SER F 109 26.89 -8.90 -13.62
CA SER F 109 27.44 -10.22 -13.91
C SER F 109 26.28 -11.19 -14.19
N ARG F 110 26.55 -12.23 -14.97
CA ARG F 110 25.51 -13.21 -15.27
C ARG F 110 25.16 -14.00 -14.02
N ILE F 111 23.87 -14.21 -13.78
CA ILE F 111 23.43 -14.98 -12.63
C ILE F 111 22.57 -16.17 -13.06
#